data_3X17
#
_entry.id   3X17
#
_cell.length_a   84.631
_cell.length_b   89.913
_cell.length_c   151.157
_cell.angle_alpha   90.00
_cell.angle_beta   90.00
_cell.angle_gamma   90.00
#
_symmetry.space_group_name_H-M   'P 21 21 21'
#
loop_
_entity.id
_entity.type
_entity.pdbx_description
1 polymer Endoglucanase
2 non-polymer 'ZINC ION'
3 non-polymer 'CALCIUM ION'
4 water water
#
_entity_poly.entity_id   1
_entity_poly.type   'polypeptide(L)'
_entity_poly.pdbx_seq_one_letter_code
;MLAGSVQTRHDLLQGAQILVNQVGYHPATPKQAVLALAPGTAAGIRPGWTPTLQIVRADDGQVVWEGTMAGPSEDRLVSG
DTLYRADFTSLTAPGRYVAQVVGGPRSPEFAIGPVYRDVLYAAARSYYLQRCGVAIDDPITGVSHALDHHEDGYVLVDDP
FYRAGTRLEATGGWHDAGDYGKYVTTTAVTAAQLLKAYELYPQAFADGQLHLPESGNGVPDILDEVRWGLEWLFRMQRPD
GAVYHKLAGLRWPGMIRPEQDVQRRYVYRITTQDTAKAAAAWAMAARIFAPFDAAFARKALAAAEQAWRFLAASGPILDY
PAEDNSGSGPYDDRDDADDRFWAAVELWVVTGRAEYHDYIARMARTGLPAYAPVSWVNPAALGYFDYVTLGQKGDPAIRA
RLVQRILEGARSVFQTYEQSGYGVPILAGSFHWGSNKEALAKGMLLLFAHHLEPRPEYERAALAQLDYVLGVNPLAKSYV
TGLGSNPPRNPHHRLVKASGVMVPGLLVGGPNDHPQTKAIRPHMGPRGYADVTDSYETNEPAIDYNAPLVFVAAHFASL
;
_entity_poly.pdbx_strand_id   B,A
#
# COMPACT_ATOMS: atom_id res chain seq x y z
N LEU A 12 7.05 -58.28 -25.95
CA LEU A 12 5.97 -58.32 -24.98
C LEU A 12 5.96 -57.09 -24.11
N LEU A 13 7.13 -56.53 -23.87
CA LEU A 13 7.33 -55.34 -23.05
C LEU A 13 7.70 -54.16 -23.92
N GLN A 14 7.33 -54.23 -25.18
CA GLN A 14 7.47 -53.05 -26.00
C GLN A 14 6.09 -52.54 -26.37
N GLY A 15 5.94 -51.24 -26.51
CA GLY A 15 6.73 -50.26 -25.84
C GLY A 15 5.89 -49.95 -24.62
N ALA A 16 6.10 -50.73 -23.58
CA ALA A 16 5.59 -50.44 -22.28
C ALA A 16 6.43 -49.34 -21.66
N GLN A 17 6.02 -48.84 -20.51
CA GLN A 17 6.80 -47.82 -19.82
C GLN A 17 6.82 -48.13 -18.31
N ILE A 18 7.94 -47.88 -17.64
CA ILE A 18 7.89 -47.91 -16.16
C ILE A 18 7.95 -46.50 -15.64
N LEU A 19 6.94 -46.19 -14.83
CA LEU A 19 6.72 -44.85 -14.35
C LEU A 19 7.23 -44.78 -12.92
N VAL A 20 8.01 -43.76 -12.61
CA VAL A 20 8.47 -43.48 -11.25
C VAL A 20 8.35 -41.96 -11.03
N ASN A 21 8.33 -41.53 -9.77
CA ASN A 21 8.55 -40.13 -9.43
C ASN A 21 9.91 -39.73 -9.95
N GLN A 22 9.94 -38.74 -10.84
CA GLN A 22 11.16 -38.41 -11.54
C GLN A 22 12.14 -37.60 -10.71
N VAL A 23 11.69 -37.12 -9.56
CA VAL A 23 12.63 -36.54 -8.62
C VAL A 23 13.08 -37.67 -7.70
N GLY A 24 12.13 -38.37 -7.11
CA GLY A 24 12.43 -39.59 -6.36
C GLY A 24 11.57 -39.77 -5.12
N TYR A 25 12.16 -40.28 -4.04
CA TYR A 25 11.41 -40.77 -2.89
C TYR A 25 12.17 -40.51 -1.61
N HIS A 26 11.47 -40.12 -0.56
CA HIS A 26 12.06 -40.03 0.76
C HIS A 26 12.27 -41.46 1.32
N PRO A 27 13.32 -41.66 2.12
CA PRO A 27 13.56 -43.04 2.59
C PRO A 27 12.38 -43.65 3.37
N ALA A 28 11.61 -42.84 4.08
CA ALA A 28 10.62 -43.38 4.99
C ALA A 28 9.30 -43.74 4.32
N THR A 29 9.15 -43.42 3.04
CA THR A 29 7.82 -43.47 2.47
C THR A 29 7.66 -44.67 1.59
N PRO A 30 6.41 -45.03 1.29
CA PRO A 30 6.11 -45.99 0.23
C PRO A 30 6.68 -45.54 -1.10
N LYS A 31 7.09 -46.48 -1.95
CA LYS A 31 7.80 -46.13 -3.17
C LYS A 31 7.27 -46.94 -4.35
N GLN A 32 6.39 -46.34 -5.15
CA GLN A 32 5.71 -47.05 -6.24
C GLN A 32 6.50 -46.99 -7.55
N ALA A 33 6.39 -48.04 -8.35
CA ALA A 33 6.72 -47.96 -9.77
C ALA A 33 5.63 -48.66 -10.56
N VAL A 34 5.25 -48.08 -11.69
CA VAL A 34 4.06 -48.52 -12.37
C VAL A 34 4.49 -48.89 -13.76
N LEU A 35 4.21 -50.13 -14.13
CA LEU A 35 4.45 -50.63 -15.47
C LEU A 35 3.15 -50.48 -16.27
N ALA A 36 3.17 -49.60 -17.27
CA ALA A 36 1.97 -49.40 -18.07
C ALA A 36 2.20 -50.01 -19.43
N LEU A 37 1.30 -50.91 -19.84
CA LEU A 37 1.36 -51.51 -21.16
C LEU A 37 0.81 -50.58 -22.25
N ALA A 38 1.44 -50.61 -23.39
CA ALA A 38 0.88 -50.10 -24.63
C ALA A 38 -0.63 -50.26 -24.76
N PRO A 39 -1.34 -49.16 -24.95
CA PRO A 39 -2.80 -49.22 -25.18
C PRO A 39 -3.26 -50.32 -26.15
N GLY A 40 -2.71 -50.35 -27.35
CA GLY A 40 -2.80 -51.56 -28.16
C GLY A 40 -1.88 -52.63 -27.62
N THR A 41 -2.33 -53.35 -26.58
CA THR A 41 -1.61 -54.54 -26.08
C THR A 41 -2.59 -55.43 -25.32
N ALA A 42 -2.07 -56.22 -24.39
CA ALA A 42 -2.77 -57.38 -23.86
C ALA A 42 -4.14 -57.15 -23.19
N ALA A 43 -5.24 -57.57 -23.82
CA ALA A 43 -5.25 -58.36 -25.06
C ALA A 43 -4.54 -59.69 -24.76
N GLY A 44 -3.41 -59.91 -25.39
CA GLY A 44 -2.57 -61.07 -25.11
C GLY A 44 -1.68 -60.92 -23.89
N ILE A 45 -2.30 -60.71 -22.73
CA ILE A 45 -1.66 -61.07 -21.46
C ILE A 45 -1.74 -62.58 -21.32
N ARG A 46 -0.60 -63.25 -21.46
CA ARG A 46 -0.56 -64.64 -21.05
C ARG A 46 -0.94 -64.78 -19.57
N PRO A 47 -2.02 -65.53 -19.28
CA PRO A 47 -2.46 -65.72 -17.90
C PRO A 47 -1.29 -66.13 -17.05
N GLY A 48 -1.11 -65.44 -15.92
CA GLY A 48 -0.10 -65.80 -14.93
C GLY A 48 1.26 -65.17 -15.21
N TRP A 49 1.38 -64.53 -16.35
CA TRP A 49 2.60 -63.77 -16.62
C TRP A 49 2.88 -62.72 -15.54
N THR A 50 4.14 -62.63 -15.12
CA THR A 50 4.53 -61.72 -14.08
C THR A 50 5.84 -61.02 -14.37
N PRO A 51 5.79 -59.69 -14.49
CA PRO A 51 6.95 -58.87 -14.77
C PRO A 51 7.85 -58.79 -13.56
N THR A 52 9.16 -58.85 -13.77
CA THR A 52 10.10 -58.60 -12.67
C THR A 52 10.74 -57.22 -12.74
N LEU A 53 10.71 -56.50 -11.63
CA LEU A 53 11.38 -55.21 -11.55
C LEU A 53 12.66 -55.28 -10.75
N GLN A 54 13.70 -54.63 -11.26
CA GLN A 54 14.87 -54.35 -10.46
C GLN A 54 15.00 -52.84 -10.25
N ILE A 55 15.53 -52.45 -9.10
CA ILE A 55 16.09 -51.12 -8.93
C ILE A 55 17.59 -51.26 -8.93
N VAL A 56 18.26 -50.31 -9.58
CA VAL A 56 19.65 -50.47 -9.95
C VAL A 56 20.41 -49.16 -9.64
N ARG A 57 21.56 -49.26 -8.99
CA ARG A 57 22.40 -48.05 -8.81
C ARG A 57 22.66 -47.37 -10.15
N ALA A 58 22.50 -46.05 -10.18
CA ALA A 58 22.75 -45.29 -11.40
C ALA A 58 24.18 -45.49 -11.88
N ASP A 59 25.14 -45.42 -10.97
CA ASP A 59 26.57 -45.52 -11.30
C ASP A 59 27.01 -46.90 -11.84
N ASP A 60 26.71 -47.98 -11.09
CA ASP A 60 27.15 -49.35 -11.42
C ASP A 60 26.25 -50.07 -12.41
N GLY A 61 24.95 -50.01 -12.15
CA GLY A 61 24.06 -51.02 -12.68
C GLY A 61 23.91 -52.18 -11.71
N GLN A 62 24.52 -52.06 -10.54
CA GLN A 62 24.31 -53.00 -9.45
C GLN A 62 22.85 -53.08 -8.97
N VAL A 63 22.22 -54.24 -9.13
CA VAL A 63 20.88 -54.46 -8.59
C VAL A 63 20.79 -54.33 -7.08
N VAL A 64 19.88 -53.48 -6.62
CA VAL A 64 19.80 -53.21 -5.19
C VAL A 64 18.44 -53.65 -4.64
N TRP A 65 17.55 -54.02 -5.55
CA TRP A 65 16.20 -54.43 -5.19
C TRP A 65 15.63 -55.16 -6.40
N GLU A 66 14.94 -56.27 -6.14
CA GLU A 66 14.34 -57.00 -7.22
C GLU A 66 13.05 -57.57 -6.71
N GLY A 67 12.01 -57.55 -7.54
CA GLY A 67 10.68 -57.91 -7.07
C GLY A 67 9.78 -58.18 -8.24
N THR A 68 8.92 -59.17 -8.07
CA THR A 68 7.86 -59.47 -9.00
C THR A 68 6.76 -58.41 -8.89
N MET A 69 6.23 -57.97 -10.04
CA MET A 69 5.20 -56.93 -10.04
C MET A 69 3.80 -57.52 -9.93
N ALA A 70 2.97 -56.94 -9.08
CA ALA A 70 1.55 -57.29 -9.03
C ALA A 70 0.80 -56.75 -10.23
N GLY A 71 -0.22 -57.49 -10.64
CA GLY A 71 -1.04 -57.14 -11.80
C GLY A 71 -1.36 -58.36 -12.66
N PRO A 72 -2.08 -58.17 -13.77
CA PRO A 72 -2.44 -56.86 -14.31
C PRO A 72 -3.65 -56.28 -13.60
N SER A 73 -3.77 -54.96 -13.65
CA SER A 73 -5.03 -54.23 -13.40
C SER A 73 -5.31 -53.32 -14.58
N GLU A 74 -6.59 -53.25 -14.97
CA GLU A 74 -7.01 -52.34 -16.02
C GLU A 74 -7.60 -51.06 -15.45
N ASP A 75 -6.95 -49.94 -15.70
CA ASP A 75 -7.38 -48.66 -15.16
C ASP A 75 -8.60 -48.15 -15.87
N ARG A 76 -9.70 -48.84 -15.68
CA ARG A 76 -10.86 -48.80 -16.58
C ARG A 76 -11.61 -47.47 -16.48
N LEU A 77 -11.49 -46.82 -15.34
CA LEU A 77 -12.29 -45.63 -15.06
C LEU A 77 -11.54 -44.33 -15.35
N VAL A 78 -10.30 -44.44 -15.76
CA VAL A 78 -9.47 -43.27 -15.93
C VAL A 78 -8.62 -43.27 -17.18
N SER A 79 -7.53 -44.01 -17.18
CA SER A 79 -6.63 -43.99 -18.34
C SER A 79 -7.02 -45.03 -19.39
N GLY A 80 -7.60 -46.15 -18.96
CA GLY A 80 -7.74 -47.30 -19.85
C GLY A 80 -6.54 -48.25 -19.88
N ASP A 81 -5.44 -47.87 -19.22
CA ASP A 81 -4.21 -48.68 -19.33
C ASP A 81 -4.28 -50.01 -18.61
N THR A 82 -3.43 -50.93 -19.02
CA THR A 82 -3.12 -52.10 -18.23
C THR A 82 -1.88 -51.83 -17.41
N LEU A 83 -2.04 -51.88 -16.09
CA LEU A 83 -0.94 -51.61 -15.15
C LEU A 83 -0.49 -52.86 -14.38
N TYR A 84 0.81 -52.95 -14.18
CA TYR A 84 1.37 -53.72 -13.08
C TYR A 84 2.07 -52.74 -12.15
N ARG A 85 2.28 -53.14 -10.89
CA ARG A 85 2.93 -52.26 -9.92
C ARG A 85 3.81 -52.97 -8.91
N ALA A 86 4.85 -52.28 -8.49
CA ALA A 86 5.69 -52.71 -7.37
C ALA A 86 5.73 -51.63 -6.30
N ASP A 87 6.15 -52.04 -5.11
CA ASP A 87 6.42 -51.12 -4.03
C ASP A 87 7.79 -51.46 -3.48
N PHE A 88 8.79 -50.68 -3.87
CA PHE A 88 10.13 -50.91 -3.36
C PHE A 88 10.47 -50.08 -2.13
N THR A 89 9.48 -49.89 -1.26
CA THR A 89 9.66 -49.21 0.06
C THR A 89 10.90 -49.64 0.83
N SER A 90 11.15 -50.96 0.83
CA SER A 90 12.28 -51.59 1.55
C SER A 90 13.60 -50.90 1.26
N LEU A 91 13.75 -50.43 0.04
CA LEU A 91 14.95 -49.78 -0.37
C LEU A 91 14.93 -48.45 0.30
N THR A 92 15.92 -48.17 1.16
CA THR A 92 15.95 -46.91 1.90
C THR A 92 17.35 -46.32 1.91
N ALA A 93 18.27 -46.94 1.21
CA ALA A 93 19.64 -46.38 1.08
C ALA A 93 19.73 -45.16 0.16
N PRO A 94 20.15 -44.01 0.72
CA PRO A 94 20.26 -42.76 -0.03
C PRO A 94 21.16 -42.90 -1.23
N GLY A 95 20.72 -42.36 -2.37
CA GLY A 95 21.55 -42.37 -3.57
C GLY A 95 20.75 -42.16 -4.85
N ARG A 96 21.33 -42.56 -5.96
CA ARG A 96 20.69 -42.36 -7.24
C ARG A 96 20.49 -43.68 -7.95
N TYR A 97 19.34 -43.84 -8.60
CA TYR A 97 18.90 -45.15 -9.05
C TYR A 97 18.14 -45.13 -10.38
N VAL A 98 17.93 -46.31 -10.94
CA VAL A 98 17.05 -46.51 -12.07
C VAL A 98 16.16 -47.72 -11.83
N ALA A 99 14.92 -47.65 -12.29
CA ALA A 99 14.02 -48.80 -12.26
C ALA A 99 14.03 -49.48 -13.62
N GLN A 100 14.11 -50.81 -13.61
CA GLN A 100 14.45 -51.61 -14.79
C GLN A 100 13.58 -52.83 -14.78
N VAL A 101 12.66 -52.95 -15.73
CA VAL A 101 11.90 -54.20 -15.84
C VAL A 101 12.70 -55.21 -16.65
N VAL A 102 12.86 -56.43 -16.12
CA VAL A 102 13.71 -57.43 -16.77
C VAL A 102 13.11 -57.77 -18.13
N GLY A 103 13.92 -57.61 -19.18
CA GLY A 103 13.43 -57.77 -20.56
C GLY A 103 12.52 -56.65 -21.05
N GLY A 104 12.58 -55.50 -20.38
CA GLY A 104 11.56 -54.46 -20.56
C GLY A 104 12.16 -53.08 -20.43
N PRO A 105 11.30 -52.07 -20.18
CA PRO A 105 11.75 -50.67 -20.24
C PRO A 105 12.55 -50.25 -19.01
N ARG A 106 13.28 -49.15 -19.15
CA ARG A 106 13.98 -48.58 -18.03
C ARG A 106 13.44 -47.16 -17.74
N SER A 107 13.35 -46.83 -16.45
CA SER A 107 12.93 -45.51 -16.02
C SER A 107 14.07 -44.52 -16.12
N PRO A 108 13.74 -43.23 -16.09
CA PRO A 108 14.76 -42.23 -15.84
C PRO A 108 15.35 -42.40 -14.44
N GLU A 109 16.46 -41.70 -14.20
CA GLU A 109 17.12 -41.72 -12.90
C GLU A 109 16.33 -40.94 -11.89
N PHE A 110 16.35 -41.43 -10.65
CA PHE A 110 15.69 -40.73 -9.56
C PHE A 110 16.51 -40.91 -8.29
N ALA A 111 16.27 -40.07 -7.29
CA ALA A 111 17.04 -40.15 -6.06
C ALA A 111 16.23 -40.76 -4.93
N ILE A 112 16.91 -41.44 -4.00
CA ILE A 112 16.35 -41.64 -2.68
C ILE A 112 17.10 -40.79 -1.69
N GLY A 113 16.36 -40.03 -0.90
CA GLY A 113 16.91 -38.90 -0.17
C GLY A 113 15.79 -37.96 0.24
N PRO A 114 16.14 -36.81 0.84
CA PRO A 114 15.13 -35.83 1.29
C PRO A 114 14.59 -35.01 0.11
N VAL A 115 13.96 -35.69 -0.84
CA VAL A 115 13.76 -35.08 -2.16
C VAL A 115 12.75 -33.93 -2.14
N TYR A 116 11.88 -33.87 -1.14
CA TYR A 116 10.82 -32.88 -1.18
C TYR A 116 11.27 -31.57 -0.60
N ARG A 117 12.51 -31.53 -0.10
CA ARG A 117 13.12 -30.26 0.27
C ARG A 117 13.42 -29.44 -0.98
N ASP A 118 13.94 -30.09 -2.01
CA ASP A 118 14.23 -29.42 -3.27
C ASP A 118 12.96 -29.12 -4.05
N VAL A 119 12.00 -30.03 -4.01
CA VAL A 119 10.69 -29.78 -4.65
C VAL A 119 10.02 -28.55 -4.01
N LEU A 120 9.86 -28.59 -2.69
CA LEU A 120 9.36 -27.44 -1.91
C LEU A 120 10.06 -26.13 -2.29
N TYR A 121 11.39 -26.15 -2.30
CA TYR A 121 12.20 -24.98 -2.67
C TYR A 121 11.76 -24.41 -4.02
N ALA A 122 11.70 -25.28 -5.03
CA ALA A 122 11.50 -24.81 -6.38
C ALA A 122 10.09 -24.22 -6.47
N ALA A 123 9.13 -24.94 -5.89
CA ALA A 123 7.73 -24.55 -5.99
C ALA A 123 7.50 -23.26 -5.27
N ALA A 124 8.01 -23.14 -4.05
CA ALA A 124 7.87 -21.91 -3.26
C ALA A 124 8.62 -20.72 -3.91
N ARG A 125 9.84 -20.93 -4.36
CA ARG A 125 10.63 -19.85 -4.91
C ARG A 125 10.11 -19.35 -6.25
N SER A 126 9.32 -20.16 -6.92
CA SER A 126 8.72 -19.76 -8.19
C SER A 126 7.87 -18.48 -8.04
N TYR A 127 7.24 -18.28 -6.87
CA TYR A 127 6.50 -17.04 -6.61
C TYR A 127 7.41 -15.82 -6.73
N TYR A 128 8.60 -15.91 -6.15
CA TYR A 128 9.55 -14.80 -6.24
C TYR A 128 9.80 -14.47 -7.71
N LEU A 129 9.77 -15.49 -8.55
CA LEU A 129 10.13 -15.30 -9.95
C LEU A 129 8.92 -14.79 -10.75
N GLN A 130 7.75 -14.84 -10.12
CA GLN A 130 6.51 -14.31 -10.70
C GLN A 130 6.18 -12.88 -10.24
N ARG A 131 6.96 -12.34 -9.31
CA ARG A 131 6.67 -11.00 -8.79
C ARG A 131 6.58 -9.93 -9.87
N CYS A 132 5.66 -8.98 -9.69
CA CYS A 132 5.40 -7.93 -10.67
C CYS A 132 5.84 -6.62 -10.03
N GLY A 133 6.37 -5.71 -10.84
CA GLY A 133 6.63 -4.38 -10.36
C GLY A 133 8.03 -4.23 -9.76
N VAL A 134 8.91 -5.15 -10.07
CA VAL A 134 10.23 -5.10 -9.48
C VAL A 134 11.22 -5.79 -10.41
N ALA A 135 12.41 -5.21 -10.56
CA ALA A 135 13.43 -5.80 -11.44
C ALA A 135 13.92 -7.11 -10.84
N ILE A 136 14.24 -8.07 -11.70
CA ILE A 136 14.90 -9.31 -11.25
C ILE A 136 16.09 -9.62 -12.16
N ASP A 137 17.21 -9.95 -11.53
CA ASP A 137 18.36 -10.49 -12.24
C ASP A 137 18.95 -11.64 -11.42
N ASP A 138 18.35 -12.81 -11.52
CA ASP A 138 18.59 -13.87 -10.55
C ASP A 138 19.73 -14.79 -10.98
N PRO A 139 20.78 -14.87 -10.18
CA PRO A 139 21.91 -15.68 -10.63
C PRO A 139 21.64 -17.19 -10.54
N ILE A 140 20.83 -17.62 -9.58
CA ILE A 140 20.55 -19.04 -9.40
C ILE A 140 19.89 -19.65 -10.64
N THR A 141 19.11 -18.82 -11.31
CA THR A 141 18.06 -19.30 -12.19
C THR A 141 18.37 -18.76 -13.60
N GLY A 142 19.10 -17.64 -13.63
CA GLY A 142 19.28 -16.87 -14.85
C GLY A 142 18.12 -15.97 -15.21
N VAL A 143 17.02 -16.01 -14.46
CA VAL A 143 15.83 -15.26 -14.85
C VAL A 143 16.07 -13.76 -14.60
N SER A 144 15.77 -12.95 -15.61
CA SER A 144 15.94 -11.51 -15.49
C SER A 144 14.95 -10.71 -16.32
N HIS A 145 14.50 -9.61 -15.75
CA HIS A 145 13.76 -8.62 -16.51
C HIS A 145 13.86 -7.32 -15.73
N ALA A 146 13.78 -6.20 -16.44
CA ALA A 146 13.81 -4.89 -15.79
C ALA A 146 12.47 -4.62 -15.14
N LEU A 147 12.35 -3.47 -14.51
CA LEU A 147 11.14 -3.05 -13.83
C LEU A 147 9.94 -3.13 -14.73
N ASP A 148 8.90 -3.81 -14.28
CA ASP A 148 7.68 -3.97 -15.10
C ASP A 148 6.48 -3.34 -14.44
N HIS A 149 5.57 -2.81 -15.25
CA HIS A 149 4.23 -2.54 -14.76
C HIS A 149 4.32 -1.64 -13.54
N HIS A 150 5.28 -0.72 -13.60
CA HIS A 150 5.38 0.32 -12.60
C HIS A 150 4.23 1.34 -12.64
N GLU A 151 3.40 1.29 -13.68
CA GLU A 151 2.24 2.20 -13.74
C GLU A 151 0.91 1.59 -13.27
N ASP A 152 0.97 0.45 -12.58
CA ASP A 152 -0.27 -0.26 -12.16
C ASP A 152 -0.93 0.56 -11.04
N GLY A 153 -2.20 0.98 -11.16
CA GLY A 153 -2.94 1.07 -12.40
C GLY A 153 -4.07 2.09 -12.25
N TYR A 154 -4.89 2.21 -13.27
CA TYR A 154 -5.89 3.29 -13.34
C TYR A 154 -7.27 2.70 -13.12
N VAL A 155 -8.08 3.38 -12.32
CA VAL A 155 -9.42 2.90 -12.00
C VAL A 155 -10.28 2.82 -13.25
N LEU A 156 -10.88 1.66 -13.51
CA LEU A 156 -11.69 1.49 -14.69
C LEU A 156 -13.07 2.17 -14.63
N VAL A 157 -13.82 1.96 -13.55
CA VAL A 157 -15.15 2.58 -13.42
C VAL A 157 -15.29 3.51 -12.21
N ASP A 158 -16.12 4.54 -12.34
CA ASP A 158 -16.38 5.47 -11.24
C ASP A 158 -16.82 4.69 -10.00
N ASP A 159 -16.37 5.11 -8.84
CA ASP A 159 -16.94 4.61 -7.63
C ASP A 159 -16.90 5.77 -6.66
N PRO A 160 -17.37 5.57 -5.45
CA PRO A 160 -17.44 6.63 -4.47
C PRO A 160 -16.11 7.33 -4.18
N PHE A 161 -14.99 6.66 -4.41
CA PHE A 161 -13.71 7.25 -3.98
C PHE A 161 -12.99 7.89 -5.16
N TYR A 162 -13.12 7.27 -6.33
CA TYR A 162 -12.29 7.59 -7.48
C TYR A 162 -13.15 7.66 -8.73
N ARG A 163 -12.86 8.65 -9.57
CA ARG A 163 -13.42 8.66 -10.92
C ARG A 163 -12.58 7.75 -11.83
N ALA A 164 -13.26 7.13 -12.80
CA ALA A 164 -12.57 6.39 -13.85
C ALA A 164 -11.36 7.19 -14.32
N GLY A 165 -10.23 6.54 -14.47
CA GLY A 165 -9.02 7.19 -14.95
C GLY A 165 -8.07 7.63 -13.84
N THR A 166 -8.53 7.52 -12.59
CA THR A 166 -7.64 7.80 -11.47
C THR A 166 -6.49 6.80 -11.38
N ARG A 167 -5.30 7.31 -11.11
CA ARG A 167 -4.16 6.48 -10.79
C ARG A 167 -4.18 5.98 -9.35
N LEU A 168 -4.15 4.67 -9.19
CA LEU A 168 -3.98 4.03 -7.87
C LEU A 168 -2.60 3.47 -7.82
N GLU A 169 -1.97 3.50 -6.65
CA GLU A 169 -0.73 2.78 -6.52
C GLU A 169 -0.99 1.34 -6.14
N ALA A 170 -0.97 0.46 -7.14
CA ALA A 170 -1.40 -0.93 -6.98
C ALA A 170 -0.34 -1.75 -7.68
N THR A 171 0.85 -1.29 -7.54
CA THR A 171 2.01 -1.94 -8.05
C THR A 171 2.34 -3.18 -7.18
N GLY A 172 3.19 -4.08 -7.63
CA GLY A 172 3.63 -5.24 -6.82
C GLY A 172 2.75 -6.48 -7.06
N GLY A 173 2.69 -7.39 -6.08
CA GLY A 173 1.95 -8.64 -6.26
C GLY A 173 2.62 -9.63 -7.21
N TRP A 174 1.87 -10.67 -7.59
CA TRP A 174 2.40 -11.73 -8.47
C TRP A 174 1.73 -11.71 -9.84
N HIS A 175 2.52 -11.84 -10.90
CA HIS A 175 1.96 -12.28 -12.18
C HIS A 175 1.21 -13.58 -11.96
N ASP A 176 -0.02 -13.66 -12.47
CA ASP A 176 -0.97 -14.69 -12.06
C ASP A 176 -0.53 -16.05 -12.56
N ALA A 177 0.07 -16.08 -13.75
CA ALA A 177 0.17 -17.33 -14.49
C ALA A 177 1.20 -17.19 -15.59
N GLY A 178 0.82 -17.50 -16.82
CA GLY A 178 1.66 -17.15 -17.97
C GLY A 178 1.37 -15.79 -18.59
N ASP A 179 0.33 -15.11 -18.12
CA ASP A 179 0.14 -13.71 -18.42
C ASP A 179 0.68 -12.88 -17.28
N TYR A 180 0.35 -11.59 -17.31
CA TYR A 180 0.88 -10.65 -16.32
C TYR A 180 -0.22 -9.97 -15.54
N GLY A 181 -1.45 -10.41 -15.75
CA GLY A 181 -2.57 -9.95 -14.94
C GLY A 181 -2.39 -10.30 -13.47
N LYS A 182 -2.96 -9.49 -12.58
CA LYS A 182 -2.88 -9.75 -11.16
C LYS A 182 -4.31 -9.77 -10.64
N TYR A 183 -4.66 -10.82 -9.93
CA TYR A 183 -6.08 -11.09 -9.72
C TYR A 183 -6.28 -11.37 -8.25
N VAL A 184 -7.18 -10.64 -7.61
CA VAL A 184 -7.35 -10.80 -6.18
C VAL A 184 -7.87 -12.20 -5.80
N THR A 185 -8.58 -12.84 -6.73
CA THR A 185 -9.37 -14.01 -6.41
C THR A 185 -8.43 -15.22 -6.22
N THR A 186 -7.37 -15.26 -7.01
CA THR A 186 -6.35 -16.30 -6.89
C THR A 186 -5.27 -15.91 -5.89
N THR A 187 -4.89 -14.63 -5.87
CA THR A 187 -3.86 -14.16 -4.97
C THR A 187 -4.23 -14.41 -3.52
N ALA A 188 -5.49 -14.17 -3.18
CA ALA A 188 -5.93 -14.33 -1.80
C ALA A 188 -5.96 -15.81 -1.38
N VAL A 189 -6.46 -16.69 -2.24
CA VAL A 189 -6.50 -18.12 -1.84
C VAL A 189 -5.11 -18.73 -1.88
N THR A 190 -4.27 -18.21 -2.76
CA THR A 190 -2.89 -18.66 -2.86
C THR A 190 -2.16 -18.28 -1.59
N ALA A 191 -2.28 -17.02 -1.17
CA ALA A 191 -1.58 -16.57 0.03
C ALA A 191 -2.04 -17.37 1.28
N ALA A 192 -3.34 -17.61 1.35
CA ALA A 192 -3.93 -18.39 2.47
C ALA A 192 -3.33 -19.77 2.51
N GLN A 193 -3.18 -20.40 1.35
CA GLN A 193 -2.67 -21.75 1.30
C GLN A 193 -1.18 -21.85 1.61
N LEU A 194 -0.37 -20.90 1.16
CA LEU A 194 1.03 -20.86 1.62
C LEU A 194 1.08 -20.65 3.14
N LEU A 195 0.18 -19.84 3.66
CA LEU A 195 0.19 -19.55 5.08
C LEU A 195 -0.07 -20.82 5.86
N LYS A 196 -1.01 -21.63 5.37
CA LYS A 196 -1.42 -22.86 6.04
C LYS A 196 -0.32 -23.89 5.97
N ALA A 197 0.36 -23.98 4.81
CA ALA A 197 1.55 -24.80 4.70
C ALA A 197 2.54 -24.44 5.80
N TYR A 198 2.80 -23.16 5.98
CA TYR A 198 3.77 -22.75 6.96
C TYR A 198 3.28 -23.06 8.37
N GLU A 199 2.02 -22.77 8.63
CA GLU A 199 1.43 -22.98 9.96
C GLU A 199 1.50 -24.45 10.39
N LEU A 200 1.18 -25.36 9.49
CA LEU A 200 1.18 -26.78 9.79
C LEU A 200 2.59 -27.38 9.73
N TYR A 201 3.47 -26.83 8.90
CA TYR A 201 4.81 -27.41 8.74
C TYR A 201 5.95 -26.39 8.87
N PRO A 202 5.98 -25.65 10.00
CA PRO A 202 6.93 -24.56 10.17
C PRO A 202 8.39 -25.03 10.09
N GLN A 203 8.61 -26.30 10.40
CA GLN A 203 9.98 -26.83 10.43
C GLN A 203 10.52 -27.06 9.00
N ALA A 204 9.63 -27.07 8.01
CA ALA A 204 10.10 -27.09 6.61
C ALA A 204 10.51 -25.70 6.07
N PHE A 205 10.32 -24.66 6.85
CA PHE A 205 10.44 -23.30 6.32
C PHE A 205 11.35 -22.42 7.19
N ALA A 206 12.51 -22.04 6.67
CA ALA A 206 13.42 -21.20 7.44
C ALA A 206 13.61 -19.79 6.84
N ASP A 207 14.04 -18.85 7.68
CA ASP A 207 14.70 -17.64 7.18
C ASP A 207 15.84 -18.06 6.25
N GLY A 208 15.91 -17.41 5.09
CA GLY A 208 16.99 -17.62 4.12
C GLY A 208 16.76 -18.83 3.24
N GLN A 209 15.76 -19.63 3.55
CA GLN A 209 15.43 -20.81 2.72
C GLN A 209 15.37 -20.55 1.21
N LEU A 210 14.82 -19.41 0.80
CA LEU A 210 14.35 -19.27 -0.58
C LEU A 210 15.23 -18.33 -1.40
N HIS A 211 16.36 -17.93 -0.82
CA HIS A 211 17.28 -17.02 -1.49
C HIS A 211 16.55 -15.83 -2.09
N LEU A 212 15.96 -15.04 -1.20
CA LEU A 212 15.13 -13.90 -1.59
C LEU A 212 15.84 -12.58 -1.21
N PRO A 213 15.31 -11.45 -1.68
CA PRO A 213 15.76 -10.17 -1.15
C PRO A 213 15.53 -10.07 0.35
N GLU A 214 14.52 -10.78 0.85
CA GLU A 214 14.21 -10.74 2.28
C GLU A 214 14.92 -11.83 3.11
N SER A 215 15.72 -12.66 2.46
CA SER A 215 16.44 -13.72 3.15
C SER A 215 17.37 -13.09 4.19
N GLY A 216 17.20 -13.48 5.45
CA GLY A 216 18.11 -13.01 6.50
C GLY A 216 17.56 -11.85 7.31
N ASN A 217 16.25 -11.60 7.19
CA ASN A 217 15.59 -10.60 8.00
C ASN A 217 14.99 -11.20 9.27
N GLY A 218 15.25 -12.48 9.53
CA GLY A 218 14.74 -13.11 10.74
C GLY A 218 13.34 -13.70 10.62
N VAL A 219 12.76 -13.65 9.42
CA VAL A 219 11.41 -14.16 9.17
C VAL A 219 11.47 -15.30 8.12
N PRO A 220 10.76 -16.42 8.35
CA PRO A 220 10.77 -17.45 7.33
C PRO A 220 10.44 -16.88 5.95
N ASP A 221 11.23 -17.23 4.95
CA ASP A 221 11.13 -16.65 3.62
C ASP A 221 9.75 -16.86 3.03
N ILE A 222 9.14 -18.02 3.29
CA ILE A 222 7.80 -18.29 2.76
C ILE A 222 6.84 -17.21 3.24
N LEU A 223 7.07 -16.68 4.45
CA LEU A 223 6.25 -15.58 4.98
C LEU A 223 6.59 -14.23 4.36
N ASP A 224 7.85 -13.99 4.05
CA ASP A 224 8.20 -12.84 3.22
C ASP A 224 7.50 -12.91 1.87
N GLU A 225 7.45 -14.10 1.26
CA GLU A 225 6.79 -14.18 -0.05
C GLU A 225 5.30 -13.85 0.10
N VAL A 226 4.64 -14.57 1.01
CA VAL A 226 3.25 -14.30 1.33
C VAL A 226 3.02 -12.81 1.54
N ARG A 227 3.94 -12.15 2.22
CA ARG A 227 3.73 -10.76 2.56
C ARG A 227 3.74 -9.89 1.30
N TRP A 228 4.61 -10.21 0.34
CA TRP A 228 4.56 -9.60 -0.97
C TRP A 228 3.15 -9.65 -1.54
N GLY A 229 2.51 -10.82 -1.50
CA GLY A 229 1.18 -10.94 -2.10
C GLY A 229 0.16 -10.13 -1.31
N LEU A 230 0.26 -10.19 0.01
CA LEU A 230 -0.74 -9.54 0.86
C LEU A 230 -0.64 -8.02 0.80
N GLU A 231 0.60 -7.52 0.67
CA GLU A 231 0.83 -6.07 0.55
C GLU A 231 0.23 -5.48 -0.73
N TRP A 232 0.20 -6.30 -1.78
CA TRP A 232 -0.55 -5.95 -2.97
C TRP A 232 -2.05 -5.93 -2.78
N LEU A 233 -2.59 -6.92 -2.09
CA LEU A 233 -3.96 -6.86 -1.60
C LEU A 233 -4.33 -5.54 -0.87
N PHE A 234 -3.48 -5.09 0.06
CA PHE A 234 -3.70 -3.79 0.70
C PHE A 234 -3.93 -2.69 -0.36
N ARG A 235 -3.10 -2.66 -1.40
CA ARG A 235 -3.19 -1.57 -2.41
C ARG A 235 -4.48 -1.73 -3.23
N MET A 236 -5.03 -2.94 -3.23
CA MET A 236 -6.30 -3.22 -3.94
C MET A 236 -7.54 -2.97 -3.07
N GLN A 237 -7.31 -2.41 -1.89
CA GLN A 237 -8.41 -2.15 -0.98
C GLN A 237 -8.79 -0.67 -0.94
N ARG A 238 -10.09 -0.45 -0.99
CA ARG A 238 -10.67 0.86 -1.05
C ARG A 238 -10.96 1.26 0.41
N PRO A 239 -10.97 2.57 0.73
CA PRO A 239 -10.99 2.89 2.14
C PRO A 239 -12.24 2.41 2.87
N ASP A 240 -13.31 2.10 2.15
CA ASP A 240 -14.48 1.57 2.84
C ASP A 240 -14.29 0.07 3.16
N GLY A 241 -13.20 -0.52 2.66
CA GLY A 241 -12.88 -1.93 2.95
C GLY A 241 -13.15 -2.86 1.81
N ALA A 242 -13.83 -2.37 0.78
CA ALA A 242 -14.05 -3.20 -0.42
C ALA A 242 -12.74 -3.43 -1.20
N VAL A 243 -12.66 -4.53 -1.93
CA VAL A 243 -11.41 -4.92 -2.60
C VAL A 243 -11.64 -5.10 -4.10
N TYR A 244 -10.84 -4.39 -4.91
CA TYR A 244 -10.94 -4.47 -6.37
C TYR A 244 -10.62 -5.87 -6.85
N HIS A 245 -11.13 -6.22 -8.02
CA HIS A 245 -11.19 -7.60 -8.43
C HIS A 245 -9.87 -8.04 -9.05
N LYS A 246 -9.27 -7.18 -9.85
CA LYS A 246 -8.12 -7.58 -10.61
C LYS A 246 -7.58 -6.34 -11.32
N LEU A 247 -6.38 -6.50 -11.86
CA LEU A 247 -5.66 -5.41 -12.48
C LEU A 247 -5.01 -5.93 -13.73
N ALA A 248 -5.35 -5.37 -14.87
CA ALA A 248 -4.83 -5.90 -16.13
C ALA A 248 -4.96 -4.89 -17.25
N GLY A 249 -4.31 -5.17 -18.37
CA GLY A 249 -4.45 -4.35 -19.59
C GLY A 249 -5.77 -4.66 -20.24
N LEU A 250 -6.18 -3.80 -21.18
CA LEU A 250 -7.36 -4.07 -22.03
C LEU A 250 -7.08 -5.19 -23.02
N ARG A 251 -5.80 -5.43 -23.30
CA ARG A 251 -5.39 -6.43 -24.28
C ARG A 251 -4.41 -7.46 -23.70
N TRP A 252 -4.50 -8.70 -24.19
CA TRP A 252 -3.54 -9.74 -23.89
C TRP A 252 -2.25 -9.34 -24.58
N PRO A 253 -1.15 -9.21 -23.79
CA PRO A 253 0.17 -9.07 -24.36
C PRO A 253 0.50 -10.28 -25.25
N GLY A 254 1.40 -10.07 -26.19
CA GLY A 254 1.99 -11.18 -26.91
C GLY A 254 2.99 -11.92 -26.04
N MET A 255 3.75 -12.80 -26.68
CA MET A 255 4.83 -13.49 -26.00
C MET A 255 6.02 -12.58 -25.83
N ILE A 256 5.90 -11.58 -24.95
CA ILE A 256 6.97 -10.63 -24.75
C ILE A 256 7.30 -10.56 -23.26
N ARG A 257 8.42 -9.92 -22.94
CA ARG A 257 8.81 -9.63 -21.55
C ARG A 257 7.83 -8.68 -20.87
N PRO A 258 7.81 -8.70 -19.52
CA PRO A 258 6.83 -7.88 -18.80
C PRO A 258 7.13 -6.40 -18.91
N GLU A 259 8.41 -6.04 -19.04
CA GLU A 259 8.79 -4.63 -19.19
C GLU A 259 8.46 -4.11 -20.57
N GLN A 260 8.26 -5.00 -21.53
CA GLN A 260 7.75 -4.58 -22.82
C GLN A 260 6.23 -4.38 -22.85
N ASP A 261 5.54 -4.86 -21.79
CA ASP A 261 4.08 -4.82 -21.77
C ASP A 261 3.67 -3.49 -21.21
N VAL A 262 3.63 -2.49 -22.08
CA VAL A 262 3.68 -1.11 -21.64
C VAL A 262 2.30 -0.45 -21.81
N GLN A 263 1.33 -1.25 -22.26
CA GLN A 263 -0.06 -0.80 -22.29
C GLN A 263 -0.53 -0.28 -20.92
N ARG A 264 -1.52 0.62 -20.92
CA ARG A 264 -2.05 1.12 -19.68
C ARG A 264 -2.73 -0.06 -18.99
N ARG A 265 -2.64 -0.14 -17.67
CA ARG A 265 -3.31 -1.20 -16.92
C ARG A 265 -4.34 -0.63 -15.96
N TYR A 266 -5.45 -1.35 -15.84
CA TYR A 266 -6.66 -0.85 -15.18
C TYR A 266 -7.03 -1.70 -13.97
N VAL A 267 -7.62 -1.03 -12.99
CA VAL A 267 -8.06 -1.67 -11.77
C VAL A 267 -9.55 -1.86 -11.91
N TYR A 268 -9.97 -3.12 -11.98
CA TYR A 268 -11.36 -3.46 -12.25
C TYR A 268 -12.20 -3.38 -10.97
N ARG A 269 -13.52 -3.46 -11.12
CA ARG A 269 -14.43 -3.04 -10.08
C ARG A 269 -14.42 -4.03 -8.91
N ILE A 270 -14.81 -3.54 -7.72
CA ILE A 270 -14.83 -4.38 -6.55
C ILE A 270 -15.81 -5.56 -6.69
N THR A 271 -15.63 -6.52 -5.78
CA THR A 271 -16.45 -7.70 -5.70
C THR A 271 -16.49 -8.06 -4.21
N THR A 272 -17.63 -8.55 -3.72
CA THR A 272 -17.73 -9.02 -2.34
C THR A 272 -16.97 -10.32 -2.07
N GLN A 273 -16.95 -11.26 -3.02
CA GLN A 273 -16.10 -12.46 -2.84
C GLN A 273 -14.62 -12.11 -2.67
N ASP A 274 -14.11 -11.17 -3.46
CA ASP A 274 -12.75 -10.73 -3.32
C ASP A 274 -12.55 -10.06 -1.97
N THR A 275 -13.52 -9.25 -1.57
CA THR A 275 -13.41 -8.53 -0.32
C THR A 275 -13.31 -9.54 0.87
N ALA A 276 -14.12 -10.58 0.80
CA ALA A 276 -14.16 -11.61 1.86
C ALA A 276 -12.92 -12.53 1.80
N LYS A 277 -12.51 -12.96 0.61
CA LYS A 277 -11.24 -13.69 0.46
C LYS A 277 -10.05 -12.91 1.03
N ALA A 278 -10.01 -11.61 0.79
CA ALA A 278 -8.86 -10.85 1.27
C ALA A 278 -8.97 -10.71 2.78
N ALA A 279 -10.18 -10.51 3.28
CA ALA A 279 -10.40 -10.52 4.72
C ALA A 279 -9.86 -11.79 5.34
N ALA A 280 -10.19 -12.93 4.74
CA ALA A 280 -9.81 -14.22 5.32
C ALA A 280 -8.28 -14.35 5.34
N ALA A 281 -7.65 -14.02 4.23
CA ALA A 281 -6.20 -14.22 4.13
C ALA A 281 -5.47 -13.31 5.08
N TRP A 282 -5.91 -12.06 5.15
CA TRP A 282 -5.34 -11.08 6.07
C TRP A 282 -5.53 -11.52 7.54
N ALA A 283 -6.72 -11.99 7.89
CA ALA A 283 -6.95 -12.44 9.27
C ALA A 283 -6.07 -13.65 9.61
N MET A 284 -5.93 -14.58 8.67
CA MET A 284 -4.90 -15.61 8.80
C MET A 284 -3.49 -15.06 9.07
N ALA A 285 -3.10 -14.04 8.31
CA ALA A 285 -1.73 -13.52 8.43
C ALA A 285 -1.57 -12.85 9.78
N ALA A 286 -2.65 -12.23 10.25
CA ALA A 286 -2.63 -11.58 11.56
C ALA A 286 -2.25 -12.59 12.64
N ARG A 287 -2.75 -13.81 12.52
CA ARG A 287 -2.48 -14.84 13.48
C ARG A 287 -1.08 -15.35 13.28
N ILE A 288 -0.68 -15.54 12.05
CA ILE A 288 0.53 -16.26 11.78
C ILE A 288 1.78 -15.38 11.91
N PHE A 289 1.66 -14.08 11.59
CA PHE A 289 2.84 -13.20 11.54
C PHE A 289 3.12 -12.64 12.92
N ALA A 290 2.21 -12.89 13.87
CA ALA A 290 2.30 -12.26 15.19
C ALA A 290 3.66 -12.38 15.90
N PRO A 291 4.30 -13.58 15.87
CA PRO A 291 5.63 -13.70 16.51
C PRO A 291 6.77 -13.03 15.74
N PHE A 292 6.55 -12.66 14.48
CA PHE A 292 7.64 -12.18 13.65
C PHE A 292 7.58 -10.68 13.43
N ASP A 293 6.39 -10.15 13.18
CA ASP A 293 6.23 -8.75 12.81
C ASP A 293 4.89 -8.27 13.29
N ALA A 294 4.86 -7.76 14.53
CA ALA A 294 3.62 -7.39 15.20
C ALA A 294 2.90 -6.20 14.53
N ALA A 295 3.67 -5.28 13.97
CA ALA A 295 3.11 -4.15 13.23
C ALA A 295 2.42 -4.62 11.92
N PHE A 296 3.03 -5.55 11.21
CA PHE A 296 2.41 -6.08 10.01
C PHE A 296 1.19 -6.90 10.35
N ALA A 297 1.30 -7.73 11.38
CA ALA A 297 0.16 -8.40 11.98
C ALA A 297 -1.06 -7.50 12.24
N ARG A 298 -0.87 -6.41 12.97
CA ARG A 298 -1.94 -5.42 13.23
C ARG A 298 -2.55 -4.89 11.95
N LYS A 299 -1.69 -4.55 11.01
CA LYS A 299 -2.13 -3.91 9.80
C LYS A 299 -3.00 -4.91 9.03
N ALA A 300 -2.57 -6.18 8.99
CA ALA A 300 -3.36 -7.16 8.26
C ALA A 300 -4.69 -7.29 8.97
N LEU A 301 -4.68 -7.18 10.30
CA LEU A 301 -5.91 -7.36 11.07
C LEU A 301 -6.83 -6.21 10.84
N ALA A 302 -6.28 -4.98 10.78
CA ALA A 302 -7.11 -3.79 10.56
C ALA A 302 -7.81 -3.85 9.22
N ALA A 303 -7.04 -4.26 8.21
CA ALA A 303 -7.58 -4.39 6.87
C ALA A 303 -8.72 -5.40 6.84
N ALA A 304 -8.50 -6.56 7.45
CA ALA A 304 -9.53 -7.62 7.46
C ALA A 304 -10.81 -7.11 8.12
N GLU A 305 -10.64 -6.35 9.20
CA GLU A 305 -11.77 -5.83 9.97
C GLU A 305 -12.57 -4.79 9.18
N GLN A 306 -11.89 -4.01 8.36
CA GLN A 306 -12.54 -2.94 7.60
C GLN A 306 -13.31 -3.58 6.43
N ALA A 307 -12.69 -4.55 5.77
CA ALA A 307 -13.35 -5.37 4.79
C ALA A 307 -14.60 -6.07 5.32
N TRP A 308 -14.55 -6.62 6.52
CA TRP A 308 -15.75 -7.20 7.09
C TRP A 308 -16.83 -6.14 7.36
N ARG A 309 -16.43 -4.92 7.73
CA ARG A 309 -17.41 -3.85 7.93
C ARG A 309 -18.16 -3.57 6.63
N PHE A 310 -17.40 -3.49 5.54
CA PHE A 310 -18.01 -3.41 4.22
C PHE A 310 -18.97 -4.56 3.94
N LEU A 311 -18.53 -5.81 4.12
CA LEU A 311 -19.40 -6.96 3.86
C LEU A 311 -20.69 -6.99 4.70
N ALA A 312 -20.62 -6.56 5.95
CA ALA A 312 -21.79 -6.64 6.83
C ALA A 312 -22.84 -5.58 6.44
N ALA A 313 -22.45 -4.62 5.60
CA ALA A 313 -23.33 -3.54 5.17
C ALA A 313 -23.75 -3.73 3.72
N SER A 314 -23.35 -4.84 3.13
CA SER A 314 -23.49 -4.95 1.68
C SER A 314 -24.03 -6.33 1.29
N GLY A 315 -24.95 -6.37 0.32
CA GLY A 315 -25.38 -7.61 -0.31
C GLY A 315 -24.31 -8.09 -1.29
N PRO A 316 -24.55 -9.22 -1.95
CA PRO A 316 -23.64 -9.74 -2.95
C PRO A 316 -23.33 -8.69 -4.00
N ILE A 317 -22.06 -8.48 -4.31
CA ILE A 317 -21.68 -7.72 -5.48
C ILE A 317 -20.76 -8.57 -6.33
N LEU A 318 -21.32 -9.17 -7.37
CA LEU A 318 -20.62 -10.16 -8.11
C LEU A 318 -20.82 -9.93 -9.60
N ASP A 319 -20.46 -8.73 -10.07
CA ASP A 319 -20.64 -8.39 -11.48
C ASP A 319 -19.35 -8.57 -12.25
N TYR A 320 -19.44 -9.30 -13.34
CA TYR A 320 -18.29 -9.61 -14.16
C TYR A 320 -18.58 -9.29 -15.64
N PRO A 321 -18.63 -7.99 -15.98
CA PRO A 321 -19.04 -7.65 -17.34
C PRO A 321 -18.11 -8.35 -18.35
N ALA A 322 -18.69 -8.91 -19.39
CA ALA A 322 -17.92 -9.66 -20.37
C ALA A 322 -16.78 -8.83 -20.96
N GLU A 323 -16.97 -7.53 -21.03
CA GLU A 323 -15.93 -6.66 -21.59
C GLU A 323 -14.71 -6.46 -20.69
N ASP A 324 -14.86 -6.71 -19.39
CA ASP A 324 -13.72 -6.68 -18.49
C ASP A 324 -12.74 -7.83 -18.75
N ASN A 325 -13.13 -8.77 -19.60
CA ASN A 325 -12.26 -9.90 -19.96
C ASN A 325 -11.43 -9.74 -21.21
N SER A 326 -11.34 -8.52 -21.73
CA SER A 326 -10.68 -8.31 -23.03
C SER A 326 -9.17 -8.57 -22.97
N GLY A 327 -8.56 -8.50 -21.79
CA GLY A 327 -7.12 -8.76 -21.69
C GLY A 327 -6.68 -9.57 -20.46
N SER A 328 -7.62 -10.30 -19.91
CA SER A 328 -7.39 -11.02 -18.65
C SER A 328 -8.56 -11.98 -18.46
N GLY A 329 -8.35 -12.99 -17.60
CA GLY A 329 -9.40 -13.98 -17.35
C GLY A 329 -10.43 -13.44 -16.37
N PRO A 330 -11.63 -14.05 -16.34
CA PRO A 330 -12.74 -13.51 -15.52
C PRO A 330 -12.66 -13.78 -14.01
N TYR A 331 -12.19 -14.96 -13.62
CA TYR A 331 -12.37 -15.45 -12.24
C TYR A 331 -13.74 -15.04 -11.72
N ASP A 332 -14.77 -15.43 -12.44
CA ASP A 332 -16.11 -14.95 -12.16
C ASP A 332 -16.77 -15.86 -11.11
N ASP A 333 -16.30 -15.74 -9.86
CA ASP A 333 -16.82 -16.54 -8.75
C ASP A 333 -18.19 -15.98 -8.37
N ARG A 334 -19.24 -16.73 -8.68
CA ARG A 334 -20.60 -16.16 -8.68
C ARG A 334 -21.39 -16.40 -7.38
N ASP A 335 -20.68 -16.72 -6.30
CA ASP A 335 -21.30 -16.84 -4.98
C ASP A 335 -20.30 -16.50 -3.87
N ASP A 336 -20.67 -15.58 -2.99
CA ASP A 336 -19.75 -15.10 -1.97
C ASP A 336 -19.95 -15.70 -0.57
N ALA A 337 -20.90 -16.63 -0.45
CA ALA A 337 -21.25 -17.16 0.90
C ALA A 337 -20.14 -18.04 1.47
N ASP A 338 -19.51 -18.85 0.61
CA ASP A 338 -18.41 -19.66 1.05
C ASP A 338 -17.19 -18.83 1.41
N ASP A 339 -16.98 -17.75 0.65
CA ASP A 339 -15.95 -16.75 0.98
C ASP A 339 -16.23 -15.98 2.28
N ARG A 340 -17.49 -15.55 2.48
CA ARG A 340 -17.84 -14.89 3.76
C ARG A 340 -17.70 -15.82 4.96
N PHE A 341 -18.18 -17.05 4.83
CA PHE A 341 -17.97 -18.06 5.88
C PHE A 341 -16.48 -18.09 6.28
N TRP A 342 -15.61 -18.24 5.26
CA TRP A 342 -14.17 -18.39 5.52
C TRP A 342 -13.62 -17.16 6.22
N ALA A 343 -14.01 -15.98 5.75
CA ALA A 343 -13.59 -14.75 6.40
C ALA A 343 -14.07 -14.67 7.84
N ALA A 344 -15.36 -14.97 8.06
CA ALA A 344 -15.89 -15.06 9.44
C ALA A 344 -15.08 -15.97 10.37
N VAL A 345 -14.79 -17.18 9.92
CA VAL A 345 -13.97 -18.11 10.72
C VAL A 345 -12.63 -17.48 11.09
N GLU A 346 -11.88 -17.01 10.09
CA GLU A 346 -10.52 -16.49 10.34
C GLU A 346 -10.51 -15.26 11.26
N LEU A 347 -11.48 -14.38 11.08
CA LEU A 347 -11.61 -13.23 11.95
C LEU A 347 -11.99 -13.65 13.38
N TRP A 348 -12.96 -14.57 13.48
CA TRP A 348 -13.31 -15.17 14.77
C TRP A 348 -12.11 -15.77 15.48
N VAL A 349 -11.27 -16.48 14.72
CA VAL A 349 -10.15 -17.24 15.28
C VAL A 349 -9.13 -16.29 15.89
N VAL A 350 -8.81 -15.19 15.20
CA VAL A 350 -7.77 -14.26 15.71
C VAL A 350 -8.30 -13.21 16.73
N THR A 351 -9.58 -12.83 16.64
CA THR A 351 -10.13 -11.81 17.55
C THR A 351 -10.96 -12.39 18.70
N GLY A 352 -11.60 -13.53 18.46
CA GLY A 352 -12.43 -14.14 19.46
C GLY A 352 -13.79 -13.49 19.57
N ARG A 353 -14.06 -12.51 18.72
CA ARG A 353 -15.28 -11.71 18.84
C ARG A 353 -16.57 -12.40 18.38
N ALA A 354 -17.60 -12.22 19.20
CA ALA A 354 -18.93 -12.75 18.91
C ALA A 354 -19.46 -12.36 17.53
N GLU A 355 -19.19 -11.13 17.10
CA GLU A 355 -19.76 -10.67 15.83
C GLU A 355 -19.44 -11.62 14.69
N TYR A 356 -18.22 -12.16 14.69
CA TYR A 356 -17.79 -13.10 13.65
C TYR A 356 -18.42 -14.50 13.83
N HIS A 357 -18.44 -15.01 15.07
CA HIS A 357 -19.07 -16.33 15.32
C HIS A 357 -20.58 -16.32 15.08
N ASP A 358 -21.23 -15.20 15.40
CA ASP A 358 -22.65 -15.01 15.06
C ASP A 358 -22.92 -15.29 13.59
N TYR A 359 -22.06 -14.77 12.71
CA TYR A 359 -22.28 -14.99 11.29
C TYR A 359 -22.21 -16.48 11.01
N ILE A 360 -21.22 -17.14 11.61
CA ILE A 360 -21.05 -18.58 11.40
C ILE A 360 -22.29 -19.36 11.87
N ALA A 361 -22.78 -19.04 13.08
CA ALA A 361 -23.92 -19.75 13.67
C ALA A 361 -25.20 -19.53 12.85
N ARG A 362 -25.40 -18.31 12.37
CA ARG A 362 -26.50 -17.99 11.46
C ARG A 362 -26.46 -18.86 10.20
N MET A 363 -25.28 -18.93 9.58
CA MET A 363 -25.11 -19.80 8.41
C MET A 363 -25.34 -21.25 8.76
N ALA A 364 -24.88 -21.67 9.93
CA ALA A 364 -25.03 -23.08 10.34
C ALA A 364 -26.52 -23.49 10.42
N ARG A 365 -27.38 -22.53 10.73
CA ARG A 365 -28.83 -22.76 10.69
C ARG A 365 -29.42 -23.03 9.30
N THR A 366 -28.90 -22.38 8.26
CA THR A 366 -29.51 -22.50 6.93
C THR A 366 -28.74 -23.39 5.98
N GLY A 367 -27.46 -23.62 6.29
CA GLY A 367 -26.64 -24.52 5.49
C GLY A 367 -25.22 -23.98 5.38
N LEU A 368 -24.25 -24.78 5.83
CA LEU A 368 -22.85 -24.39 5.73
C LEU A 368 -22.43 -24.53 4.27
N PRO A 369 -21.36 -23.82 3.87
CA PRO A 369 -20.82 -23.94 2.51
C PRO A 369 -20.55 -25.40 2.22
N ALA A 370 -20.69 -25.84 0.96
CA ALA A 370 -20.25 -27.20 0.58
C ALA A 370 -18.77 -27.39 0.91
N TYR A 371 -18.42 -28.61 1.34
CA TYR A 371 -17.05 -28.99 1.63
C TYR A 371 -16.38 -29.50 0.35
N ALA A 372 -15.36 -28.80 -0.10
CA ALA A 372 -14.79 -29.14 -1.40
C ALA A 372 -13.32 -28.79 -1.38
N PRO A 373 -12.53 -29.38 -2.30
CA PRO A 373 -11.09 -29.09 -2.30
C PRO A 373 -10.94 -27.56 -2.46
N VAL A 374 -9.97 -26.98 -1.78
CA VAL A 374 -9.77 -25.53 -1.81
C VAL A 374 -9.56 -25.04 -3.23
N SER A 375 -10.36 -24.06 -3.64
CA SER A 375 -10.25 -23.45 -4.98
C SER A 375 -10.60 -21.96 -4.90
N TRP A 376 -10.29 -21.19 -5.94
CA TRP A 376 -10.69 -19.78 -6.01
C TRP A 376 -12.21 -19.55 -6.09
N VAL A 377 -12.96 -20.60 -6.41
CA VAL A 377 -14.42 -20.54 -6.31
C VAL A 377 -14.88 -20.71 -4.85
N ASN A 378 -14.43 -21.82 -4.25
CA ASN A 378 -14.83 -22.20 -2.90
C ASN A 378 -13.61 -22.50 -2.03
N PRO A 379 -13.23 -21.56 -1.18
CA PRO A 379 -12.07 -21.73 -0.31
C PRO A 379 -12.48 -22.23 1.10
N ALA A 380 -13.75 -22.54 1.30
CA ALA A 380 -14.26 -22.69 2.64
C ALA A 380 -13.68 -23.88 3.44
N ALA A 381 -13.00 -24.83 2.79
CA ALA A 381 -12.38 -25.93 3.54
C ALA A 381 -11.37 -25.41 4.55
N LEU A 382 -10.68 -24.32 4.20
CA LEU A 382 -9.75 -23.69 5.15
C LEU A 382 -10.49 -23.17 6.38
N GLY A 383 -11.74 -22.77 6.19
CA GLY A 383 -12.51 -22.30 7.32
C GLY A 383 -12.93 -23.47 8.18
N TYR A 384 -13.44 -24.52 7.54
CA TYR A 384 -13.76 -25.77 8.27
C TYR A 384 -12.58 -26.16 9.15
N PHE A 385 -11.40 -26.22 8.54
CA PHE A 385 -10.22 -26.75 9.22
C PHE A 385 -9.78 -25.84 10.35
N ASP A 386 -9.81 -24.52 10.10
CA ASP A 386 -9.25 -23.56 11.04
C ASP A 386 -10.18 -23.38 12.24
N TYR A 387 -11.47 -23.38 11.97
CA TYR A 387 -12.46 -23.46 13.05
C TYR A 387 -12.25 -24.68 14.00
N VAL A 388 -12.26 -25.89 13.43
CA VAL A 388 -11.99 -27.11 14.17
C VAL A 388 -10.64 -27.08 14.92
N THR A 389 -9.55 -26.69 14.26
CA THR A 389 -8.21 -26.82 14.87
C THR A 389 -7.74 -25.61 15.66
N LEU A 390 -8.32 -24.44 15.40
CA LEU A 390 -7.75 -23.20 15.94
C LEU A 390 -8.77 -22.37 16.71
N GLY A 391 -10.06 -22.63 16.47
CA GLY A 391 -11.14 -21.88 17.11
C GLY A 391 -11.20 -22.15 18.60
N GLN A 392 -11.21 -21.10 19.42
CA GLN A 392 -11.38 -21.25 20.86
C GLN A 392 -12.80 -20.99 21.27
N LYS A 393 -13.30 -21.81 22.18
CA LYS A 393 -14.61 -21.55 22.78
C LYS A 393 -15.70 -21.44 21.70
N GLY A 394 -15.70 -22.41 20.80
CA GLY A 394 -16.70 -22.49 19.74
C GLY A 394 -18.01 -23.11 20.17
N ASP A 395 -18.85 -23.42 19.18
CA ASP A 395 -20.09 -24.11 19.39
C ASP A 395 -19.85 -25.61 19.14
N PRO A 396 -20.07 -26.45 20.16
CA PRO A 396 -19.61 -27.82 20.03
C PRO A 396 -20.40 -28.60 19.00
N ALA A 397 -21.65 -28.22 18.77
CA ALA A 397 -22.44 -28.87 17.71
C ALA A 397 -21.97 -28.45 16.29
N ILE A 398 -21.51 -27.22 16.14
CA ILE A 398 -20.94 -26.77 14.85
C ILE A 398 -19.61 -27.48 14.60
N ARG A 399 -18.79 -27.50 15.65
CA ARG A 399 -17.50 -28.11 15.55
C ARG A 399 -17.64 -29.55 15.11
N ALA A 400 -18.62 -30.26 15.68
CA ALA A 400 -18.83 -31.68 15.33
C ALA A 400 -19.31 -31.82 13.90
N ARG A 401 -20.13 -30.89 13.42
CA ARG A 401 -20.51 -30.90 12.01
C ARG A 401 -19.32 -30.67 11.06
N LEU A 402 -18.47 -29.73 11.44
CA LEU A 402 -17.28 -29.42 10.64
C LEU A 402 -16.35 -30.61 10.56
N VAL A 403 -16.18 -31.31 11.68
CA VAL A 403 -15.27 -32.45 11.74
C VAL A 403 -15.76 -33.54 10.79
N GLN A 404 -17.03 -33.92 10.96
CA GLN A 404 -17.66 -34.94 10.12
C GLN A 404 -17.53 -34.63 8.60
N ARG A 405 -17.74 -33.38 8.20
CA ARG A 405 -17.52 -33.00 6.81
C ARG A 405 -16.07 -33.14 6.36
N ILE A 406 -15.14 -32.82 7.26
CA ILE A 406 -13.73 -32.96 6.93
C ILE A 406 -13.37 -34.43 6.66
N LEU A 407 -13.89 -35.33 7.50
CA LEU A 407 -13.56 -36.76 7.36
C LEU A 407 -14.28 -37.40 6.17
N GLU A 408 -15.50 -36.96 5.94
CA GLU A 408 -16.25 -37.40 4.76
C GLU A 408 -15.57 -36.93 3.44
N GLY A 409 -15.07 -35.69 3.41
CA GLY A 409 -14.37 -35.18 2.23
C GLY A 409 -13.15 -36.01 1.86
N ALA A 410 -12.33 -36.31 2.84
CA ALA A 410 -11.21 -37.17 2.61
C ALA A 410 -11.72 -38.53 2.13
N ARG A 411 -12.82 -38.99 2.72
CA ARG A 411 -13.30 -40.33 2.40
C ARG A 411 -13.73 -40.43 0.93
N SER A 412 -14.56 -39.51 0.46
CA SER A 412 -14.83 -39.49 -0.98
C SER A 412 -13.55 -39.35 -1.84
N VAL A 413 -12.62 -38.47 -1.46
CA VAL A 413 -11.36 -38.41 -2.20
C VAL A 413 -10.68 -39.78 -2.26
N PHE A 414 -10.52 -40.42 -1.10
CA PHE A 414 -9.86 -41.71 -1.01
C PHE A 414 -10.51 -42.79 -1.87
N GLN A 415 -11.84 -42.78 -1.92
CA GLN A 415 -12.56 -43.72 -2.77
C GLN A 415 -12.25 -43.54 -4.27
N THR A 416 -12.15 -42.28 -4.71
CA THR A 416 -11.75 -42.04 -6.10
C THR A 416 -10.31 -42.50 -6.34
N TYR A 417 -9.45 -42.20 -5.38
CA TYR A 417 -8.05 -42.60 -5.50
C TYR A 417 -7.97 -44.13 -5.70
N GLU A 418 -8.84 -44.86 -5.02
CA GLU A 418 -8.79 -46.32 -5.11
C GLU A 418 -9.31 -46.80 -6.46
N GLN A 419 -10.13 -45.99 -7.11
CA GLN A 419 -10.63 -46.33 -8.45
C GLN A 419 -9.64 -46.00 -9.56
N SER A 420 -8.42 -45.61 -9.23
CA SER A 420 -7.57 -44.91 -10.20
C SER A 420 -6.19 -45.51 -10.27
N GLY A 421 -5.87 -46.13 -11.39
CA GLY A 421 -4.64 -46.87 -11.48
C GLY A 421 -3.43 -46.01 -11.19
N TYR A 422 -3.43 -44.76 -11.66
CA TYR A 422 -2.26 -43.91 -11.44
C TYR A 422 -2.25 -43.12 -10.13
N GLY A 423 -3.28 -43.28 -9.30
CA GLY A 423 -3.35 -42.50 -8.06
C GLY A 423 -4.19 -41.23 -8.14
N VAL A 424 -4.28 -40.62 -9.31
CA VAL A 424 -4.93 -39.30 -9.43
C VAL A 424 -6.41 -39.43 -9.18
N PRO A 425 -6.94 -38.68 -8.20
CA PRO A 425 -8.32 -38.86 -7.75
C PRO A 425 -9.32 -38.16 -8.65
N ILE A 426 -9.21 -38.43 -9.95
CA ILE A 426 -10.04 -37.77 -10.94
C ILE A 426 -10.42 -38.79 -12.01
N LEU A 427 -11.72 -38.94 -12.27
CA LEU A 427 -12.15 -39.92 -13.27
C LEU A 427 -12.24 -39.30 -14.66
N ALA A 428 -12.06 -40.15 -15.67
CA ALA A 428 -12.33 -39.80 -17.05
C ALA A 428 -13.68 -39.10 -17.22
N GLY A 429 -13.70 -38.04 -18.03
CA GLY A 429 -14.88 -37.19 -18.14
C GLY A 429 -14.83 -36.03 -17.15
N SER A 430 -13.93 -36.09 -16.16
CA SER A 430 -13.91 -35.01 -15.18
C SER A 430 -12.59 -34.24 -15.13
N PHE A 431 -11.74 -34.42 -16.13
CA PHE A 431 -10.50 -33.64 -16.20
C PHE A 431 -10.75 -32.25 -16.73
N HIS A 432 -10.64 -31.25 -15.85
CA HIS A 432 -10.86 -29.87 -16.22
C HIS A 432 -9.55 -29.08 -16.23
N TRP A 433 -9.64 -27.85 -16.70
CA TRP A 433 -8.53 -26.91 -16.67
C TRP A 433 -8.01 -26.78 -15.23
N GLY A 434 -6.75 -27.11 -14.99
CA GLY A 434 -6.21 -27.13 -13.63
C GLY A 434 -6.36 -28.47 -12.91
N SER A 435 -6.55 -29.55 -13.67
CA SER A 435 -6.67 -30.86 -13.06
C SER A 435 -5.52 -31.21 -12.11
N ASN A 436 -4.30 -30.83 -12.46
CA ASN A 436 -3.19 -31.03 -11.53
C ASN A 436 -3.41 -30.35 -10.18
N LYS A 437 -3.90 -29.13 -10.21
CA LYS A 437 -4.13 -28.39 -8.99
C LYS A 437 -5.20 -29.11 -8.15
N GLU A 438 -6.27 -29.52 -8.82
CA GLU A 438 -7.37 -30.27 -8.21
C GLU A 438 -6.90 -31.58 -7.54
N ALA A 439 -5.98 -32.29 -8.20
CA ALA A 439 -5.35 -33.48 -7.60
C ALA A 439 -4.68 -33.11 -6.28
N LEU A 440 -3.84 -32.09 -6.34
CA LEU A 440 -3.05 -31.75 -5.18
C LEU A 440 -3.93 -31.19 -4.07
N ALA A 441 -4.96 -30.42 -4.45
CA ALA A 441 -5.91 -29.86 -3.49
C ALA A 441 -6.69 -30.99 -2.81
N LYS A 442 -7.00 -32.06 -3.54
CA LYS A 442 -7.59 -33.25 -2.95
C LYS A 442 -6.60 -34.00 -2.05
N GLY A 443 -5.33 -33.97 -2.41
CA GLY A 443 -4.25 -34.38 -1.53
C GLY A 443 -4.32 -33.64 -0.21
N MET A 444 -4.53 -32.33 -0.30
CA MET A 444 -4.71 -31.47 0.86
C MET A 444 -5.89 -31.90 1.74
N LEU A 445 -7.03 -32.25 1.16
CA LEU A 445 -8.14 -32.73 2.00
C LEU A 445 -7.84 -34.05 2.71
N LEU A 446 -7.12 -34.95 2.05
CA LEU A 446 -6.61 -36.17 2.71
C LEU A 446 -5.73 -35.82 3.89
N LEU A 447 -4.81 -34.86 3.71
CA LEU A 447 -3.96 -34.45 4.78
C LEU A 447 -4.70 -33.74 5.91
N PHE A 448 -5.77 -33.02 5.59
CA PHE A 448 -6.55 -32.37 6.67
C PHE A 448 -7.14 -33.46 7.59
N ALA A 449 -7.74 -34.48 6.99
CA ALA A 449 -8.37 -35.58 7.70
C ALA A 449 -7.32 -36.38 8.48
N HIS A 450 -6.21 -36.68 7.82
CA HIS A 450 -5.05 -37.25 8.47
C HIS A 450 -4.63 -36.49 9.72
N HIS A 451 -4.75 -35.17 9.67
CA HIS A 451 -4.32 -34.35 10.78
C HIS A 451 -5.28 -34.48 11.98
N LEU A 452 -6.57 -34.70 11.70
CA LEU A 452 -7.57 -34.85 12.77
C LEU A 452 -7.53 -36.26 13.37
N GLU A 453 -7.11 -37.21 12.54
CA GLU A 453 -7.31 -38.64 12.76
C GLU A 453 -6.24 -39.33 11.91
N PRO A 454 -5.06 -39.60 12.50
CA PRO A 454 -3.95 -40.10 11.68
C PRO A 454 -4.33 -41.40 11.00
N ARG A 455 -3.91 -41.55 9.76
CA ARG A 455 -4.38 -42.61 8.93
C ARG A 455 -3.45 -42.79 7.77
N PRO A 456 -2.58 -43.77 7.88
CA PRO A 456 -1.50 -43.93 6.93
C PRO A 456 -1.94 -44.02 5.49
N GLU A 457 -3.06 -44.64 5.19
CA GLU A 457 -3.47 -44.70 3.81
C GLU A 457 -3.77 -43.33 3.24
N TYR A 458 -4.16 -42.39 4.06
CA TYR A 458 -4.48 -41.06 3.54
C TYR A 458 -3.19 -40.36 3.17
N GLU A 459 -2.17 -40.51 4.00
CA GLU A 459 -0.87 -39.93 3.74
C GLU A 459 -0.22 -40.55 2.49
N ARG A 460 -0.44 -41.85 2.31
CA ARG A 460 0.00 -42.49 1.09
C ARG A 460 -0.74 -41.89 -0.12
N ALA A 461 -2.06 -41.74 -0.01
CA ALA A 461 -2.84 -41.22 -1.11
C ALA A 461 -2.43 -39.79 -1.45
N ALA A 462 -2.09 -38.98 -0.44
CA ALA A 462 -1.59 -37.63 -0.67
C ALA A 462 -0.24 -37.69 -1.38
N LEU A 463 0.66 -38.54 -0.90
CA LEU A 463 1.97 -38.67 -1.54
C LEU A 463 1.79 -39.00 -3.02
N ALA A 464 0.81 -39.84 -3.30
CA ALA A 464 0.54 -40.30 -4.66
C ALA A 464 0.22 -39.11 -5.60
N GLN A 465 -0.18 -37.97 -5.03
CA GLN A 465 -0.47 -36.79 -5.87
C GLN A 465 0.81 -36.06 -6.28
N LEU A 466 1.78 -36.03 -5.38
CA LEU A 466 3.13 -35.66 -5.75
C LEU A 466 3.75 -36.62 -6.77
N ASP A 467 3.68 -37.93 -6.54
CA ASP A 467 4.23 -38.88 -7.53
C ASP A 467 3.61 -38.64 -8.90
N TYR A 468 2.31 -38.38 -8.91
CA TYR A 468 1.56 -38.26 -10.15
C TYR A 468 1.98 -37.02 -10.96
N VAL A 469 2.12 -35.87 -10.29
CA VAL A 469 2.51 -34.67 -11.03
C VAL A 469 3.99 -34.68 -11.35
N LEU A 470 4.72 -35.66 -10.79
CA LEU A 470 6.15 -35.72 -11.02
C LEU A 470 6.56 -36.93 -11.83
N GLY A 471 5.60 -37.54 -12.50
CA GLY A 471 5.92 -38.52 -13.56
C GLY A 471 5.19 -39.85 -13.47
N VAL A 472 4.40 -40.05 -12.42
CA VAL A 472 3.59 -41.25 -12.31
C VAL A 472 2.22 -41.05 -12.97
N ASN A 473 2.21 -41.09 -14.30
CA ASN A 473 1.03 -40.75 -15.09
C ASN A 473 1.23 -41.29 -16.52
N PRO A 474 0.16 -41.41 -17.29
CA PRO A 474 0.34 -42.25 -18.47
C PRO A 474 1.25 -41.60 -19.53
N LEU A 475 1.54 -40.30 -19.37
CA LEU A 475 2.43 -39.58 -20.31
C LEU A 475 3.87 -39.55 -19.80
N ALA A 476 4.11 -40.16 -18.64
CA ALA A 476 5.43 -40.18 -18.08
C ALA A 476 5.98 -38.75 -18.00
N LYS A 477 5.11 -37.80 -17.65
CA LYS A 477 5.44 -36.37 -17.73
C LYS A 477 5.62 -35.81 -16.33
N SER A 478 6.64 -34.98 -16.16
CA SER A 478 6.69 -34.13 -14.95
C SER A 478 5.96 -32.84 -15.30
N TYR A 479 4.98 -32.46 -14.49
CA TYR A 479 4.21 -31.27 -14.81
C TYR A 479 4.78 -30.03 -14.14
N VAL A 480 5.95 -30.16 -13.50
CA VAL A 480 6.56 -29.03 -12.83
C VAL A 480 7.84 -28.62 -13.54
N THR A 481 7.91 -27.36 -13.94
CA THR A 481 9.05 -26.92 -14.75
C THR A 481 10.34 -27.08 -14.00
N GLY A 482 11.38 -27.51 -14.71
CA GLY A 482 12.73 -27.62 -14.10
C GLY A 482 12.89 -28.79 -13.13
N LEU A 483 11.87 -29.64 -13.01
CA LEU A 483 11.93 -30.82 -12.16
C LEU A 483 11.78 -32.12 -12.94
N GLY A 484 12.52 -33.14 -12.52
CA GLY A 484 12.44 -34.47 -13.13
C GLY A 484 13.10 -34.49 -14.48
N SER A 485 12.85 -35.53 -15.26
CA SER A 485 13.59 -35.69 -16.51
C SER A 485 12.78 -35.34 -17.73
N ASN A 486 11.45 -35.24 -17.57
CA ASN A 486 10.57 -34.85 -18.68
C ASN A 486 9.56 -33.73 -18.33
N PRO A 487 10.06 -32.60 -17.83
CA PRO A 487 9.24 -31.45 -17.48
C PRO A 487 8.64 -30.76 -18.72
N PRO A 488 7.80 -29.74 -18.50
CA PRO A 488 7.28 -28.91 -19.59
C PRO A 488 8.37 -27.99 -20.16
N ARG A 489 8.75 -28.23 -21.41
CA ARG A 489 9.75 -27.41 -22.05
C ARG A 489 9.14 -26.18 -22.72
N ASN A 490 7.86 -26.24 -23.01
CA ASN A 490 7.22 -25.19 -23.77
C ASN A 490 6.02 -24.65 -23.06
N PRO A 491 6.18 -24.24 -21.80
CA PRO A 491 5.02 -23.78 -21.04
C PRO A 491 4.38 -22.52 -21.63
N HIS A 492 3.05 -22.40 -21.52
CA HIS A 492 2.38 -21.17 -21.88
C HIS A 492 2.77 -20.10 -20.86
N HIS A 493 3.91 -19.47 -21.11
CA HIS A 493 4.48 -18.51 -20.17
C HIS A 493 5.30 -17.48 -20.94
N ARG A 494 4.81 -16.24 -20.88
CA ARG A 494 5.29 -15.17 -21.71
C ARG A 494 6.76 -14.86 -21.47
N LEU A 495 7.18 -14.82 -20.21
CA LEU A 495 8.57 -14.55 -19.88
C LEU A 495 9.49 -15.68 -20.32
N VAL A 496 9.07 -16.92 -20.06
CA VAL A 496 9.86 -18.07 -20.48
C VAL A 496 10.05 -18.06 -21.98
N LYS A 497 8.96 -17.83 -22.69
CA LYS A 497 8.93 -17.88 -24.15
C LYS A 497 9.77 -16.75 -24.73
N ALA A 498 9.54 -15.54 -24.24
CA ALA A 498 10.29 -14.37 -24.72
C ALA A 498 11.77 -14.41 -24.37
N SER A 499 12.12 -14.96 -23.21
CA SER A 499 13.48 -14.87 -22.73
C SER A 499 14.30 -16.07 -23.15
N GLY A 500 13.62 -17.17 -23.47
CA GLY A 500 14.28 -18.47 -23.62
C GLY A 500 14.96 -18.97 -22.35
N VAL A 501 14.62 -18.38 -21.20
CA VAL A 501 15.11 -18.86 -19.90
C VAL A 501 13.98 -19.51 -19.08
N MET A 502 14.14 -20.79 -18.73
CA MET A 502 13.12 -21.49 -17.92
C MET A 502 12.96 -20.85 -16.54
N VAL A 503 11.71 -20.62 -16.16
CA VAL A 503 11.38 -20.41 -14.76
C VAL A 503 11.04 -21.75 -14.10
N PRO A 504 11.91 -22.21 -13.19
CA PRO A 504 11.72 -23.52 -12.58
C PRO A 504 10.68 -23.49 -11.44
N GLY A 505 10.04 -24.63 -11.20
CA GLY A 505 9.23 -24.84 -10.02
C GLY A 505 7.76 -24.54 -10.24
N LEU A 506 7.39 -24.25 -11.49
CA LEU A 506 5.96 -23.93 -11.80
C LEU A 506 5.20 -25.17 -12.24
N LEU A 507 4.06 -25.42 -11.58
CA LEU A 507 3.17 -26.49 -11.99
C LEU A 507 2.22 -26.03 -13.11
N VAL A 508 2.21 -26.77 -14.23
CA VAL A 508 1.23 -26.52 -15.28
C VAL A 508 -0.10 -27.15 -14.96
N GLY A 509 -1.17 -26.59 -15.52
CA GLY A 509 -2.51 -27.09 -15.31
C GLY A 509 -2.68 -28.60 -15.49
N GLY A 510 -2.18 -29.13 -16.59
CA GLY A 510 -2.26 -30.56 -16.86
C GLY A 510 -3.48 -30.99 -17.69
N PRO A 511 -3.74 -32.31 -17.73
CA PRO A 511 -4.76 -32.92 -18.58
C PRO A 511 -6.13 -32.31 -18.41
N ASN A 512 -6.83 -32.18 -19.53
CA ASN A 512 -8.08 -31.42 -19.60
C ASN A 512 -8.94 -32.05 -20.68
N ASP A 513 -10.15 -32.47 -20.29
CA ASP A 513 -11.07 -33.09 -21.22
C ASP A 513 -11.71 -32.06 -22.16
N HIS A 514 -11.66 -30.78 -21.80
CA HIS A 514 -12.44 -29.77 -22.51
C HIS A 514 -11.55 -28.71 -23.13
N PRO A 515 -10.99 -29.01 -24.30
CA PRO A 515 -10.02 -28.16 -24.99
C PRO A 515 -10.55 -26.80 -25.43
N GLN A 516 -9.63 -25.86 -25.63
CA GLN A 516 -9.92 -24.49 -26.05
C GLN A 516 -9.04 -24.15 -27.24
N THR A 517 -7.98 -24.93 -27.42
CA THR A 517 -6.99 -24.61 -28.42
C THR A 517 -6.82 -25.81 -29.36
N LYS A 518 -5.83 -25.69 -30.23
CA LYS A 518 -5.74 -26.56 -31.40
C LYS A 518 -5.10 -27.90 -31.03
N ALA A 519 -4.18 -27.88 -30.07
CA ALA A 519 -3.17 -28.94 -29.97
C ALA A 519 -3.55 -30.13 -29.09
N ILE A 520 -4.75 -30.11 -28.54
CA ILE A 520 -5.30 -31.29 -27.86
C ILE A 520 -6.75 -31.51 -28.25
N ARG A 521 -7.13 -32.77 -28.38
CA ARG A 521 -8.54 -33.08 -28.57
C ARG A 521 -9.32 -33.47 -27.30
N PRO A 522 -10.67 -33.47 -27.40
CA PRO A 522 -11.52 -33.61 -26.22
C PRO A 522 -11.59 -35.04 -25.67
N HIS A 523 -11.86 -35.16 -24.38
CA HIS A 523 -12.20 -36.44 -23.77
C HIS A 523 -11.04 -37.44 -23.79
N MET A 524 -9.81 -36.92 -23.77
CA MET A 524 -8.61 -37.77 -23.62
C MET A 524 -8.23 -38.02 -22.15
N GLY A 525 -8.99 -37.45 -21.22
CA GLY A 525 -8.69 -37.59 -19.78
C GLY A 525 -7.24 -37.35 -19.39
N PRO A 526 -6.59 -38.33 -18.71
CA PRO A 526 -5.26 -38.07 -18.17
C PRO A 526 -4.23 -37.94 -19.29
N ARG A 527 -4.67 -38.22 -20.50
CA ARG A 527 -3.83 -38.00 -21.66
C ARG A 527 -4.08 -36.70 -22.40
N GLY A 528 -5.04 -35.89 -21.92
CA GLY A 528 -5.40 -34.65 -22.62
C GLY A 528 -4.49 -33.46 -22.39
N TYR A 529 -3.23 -33.57 -22.78
CA TYR A 529 -2.23 -32.54 -22.45
C TYR A 529 -1.23 -32.43 -23.57
N ALA A 530 -0.68 -31.24 -23.78
CA ALA A 530 0.36 -31.06 -24.80
C ALA A 530 1.42 -30.08 -24.39
N ASP A 531 2.67 -30.50 -24.44
CA ASP A 531 3.74 -29.59 -24.05
C ASP A 531 4.06 -28.59 -25.17
N VAL A 532 3.18 -27.62 -25.36
CA VAL A 532 3.42 -26.62 -26.40
C VAL A 532 2.94 -25.27 -25.90
N THR A 533 3.61 -24.21 -26.37
CA THR A 533 3.40 -22.86 -25.84
C THR A 533 1.97 -22.36 -25.92
N ASP A 534 1.27 -22.74 -26.99
CA ASP A 534 -0.09 -22.25 -27.28
C ASP A 534 -1.16 -22.83 -26.36
N SER A 535 -0.88 -24.00 -25.79
CA SER A 535 -1.91 -24.71 -25.04
C SER A 535 -1.99 -24.13 -23.65
N TYR A 536 -2.76 -23.06 -23.52
CA TYR A 536 -2.91 -22.41 -22.26
C TYR A 536 -3.90 -23.16 -21.34
N GLU A 537 -4.68 -24.06 -21.89
CA GLU A 537 -5.61 -24.78 -21.06
C GLU A 537 -5.06 -26.08 -20.49
N THR A 538 -3.82 -26.35 -20.79
CA THR A 538 -3.21 -27.63 -20.51
C THR A 538 -1.80 -27.41 -19.96
N ASN A 539 -1.13 -26.35 -20.43
CA ASN A 539 0.31 -26.23 -20.25
C ASN A 539 0.69 -24.85 -19.73
N GLU A 540 -0.25 -24.24 -19.03
CA GLU A 540 0.00 -22.95 -18.39
C GLU A 540 0.06 -23.13 -16.86
N PRO A 541 1.08 -22.55 -16.24
CA PRO A 541 1.16 -22.51 -14.78
C PRO A 541 0.25 -21.44 -14.22
N ALA A 542 -0.06 -21.51 -12.92
CA ALA A 542 -0.76 -20.45 -12.23
C ALA A 542 -0.42 -20.47 -10.75
N ILE A 543 -0.55 -19.31 -10.10
CA ILE A 543 -0.21 -19.20 -8.69
C ILE A 543 -1.08 -20.11 -7.81
N ASP A 544 -2.35 -20.28 -8.17
CA ASP A 544 -3.23 -21.14 -7.37
C ASP A 544 -2.96 -22.64 -7.60
N TYR A 545 -2.16 -22.97 -8.62
CA TYR A 545 -1.78 -24.36 -8.84
C TYR A 545 -0.62 -24.70 -7.91
N ASN A 546 0.32 -23.76 -7.79
CA ASN A 546 1.49 -23.93 -6.97
C ASN A 546 1.21 -23.96 -5.48
N ALA A 547 0.08 -23.39 -5.09
CA ALA A 547 -0.23 -23.25 -3.67
C ALA A 547 -0.45 -24.61 -3.00
N PRO A 548 -1.30 -25.48 -3.59
CA PRO A 548 -1.43 -26.79 -2.94
C PRO A 548 -0.20 -27.66 -3.18
N LEU A 549 0.56 -27.40 -4.24
CA LEU A 549 1.84 -28.07 -4.43
C LEU A 549 2.81 -27.77 -3.28
N VAL A 550 2.98 -26.51 -2.95
CA VAL A 550 3.81 -26.13 -1.81
C VAL A 550 3.26 -26.77 -0.52
N PHE A 551 1.92 -26.81 -0.37
CA PHE A 551 1.34 -27.47 0.82
C PHE A 551 1.67 -28.96 0.94
N VAL A 552 1.42 -29.71 -0.12
CA VAL A 552 1.61 -31.14 -0.06
C VAL A 552 3.09 -31.50 0.03
N ALA A 553 3.92 -30.72 -0.67
CA ALA A 553 5.34 -30.94 -0.67
C ALA A 553 5.89 -30.67 0.74
N ALA A 554 5.37 -29.62 1.39
CA ALA A 554 5.85 -29.28 2.73
C ALA A 554 5.54 -30.40 3.75
N HIS A 555 4.39 -31.04 3.62
CA HIS A 555 4.08 -32.21 4.43
C HIS A 555 5.18 -33.28 4.33
N PHE A 556 5.63 -33.59 3.12
CA PHE A 556 6.59 -34.65 2.97
C PHE A 556 8.06 -34.21 3.12
N ALA A 557 8.29 -32.91 3.20
CA ALA A 557 9.63 -32.38 3.44
C ALA A 557 9.92 -32.35 4.94
N SER A 558 8.90 -32.44 5.75
CA SER A 558 9.14 -32.29 7.15
C SER A 558 8.95 -33.57 7.96
N LEU A 559 8.09 -34.44 7.48
CA LEU A 559 7.66 -35.56 8.27
C LEU A 559 6.93 -35.00 9.48
N LEU B 12 -30.33 5.65 -6.52
CA LEU B 12 -30.05 7.07 -6.66
C LEU B 12 -28.92 7.59 -5.77
N LEU B 13 -28.72 6.92 -4.65
CA LEU B 13 -27.55 7.13 -3.80
C LEU B 13 -26.42 6.17 -4.20
N GLN B 14 -26.73 5.37 -5.19
CA GLN B 14 -25.79 4.60 -5.90
C GLN B 14 -24.60 5.46 -6.23
N GLY B 15 -23.46 5.18 -5.61
CA GLY B 15 -22.20 5.86 -5.97
C GLY B 15 -22.00 7.21 -5.27
N ALA B 16 -22.93 7.55 -4.40
CA ALA B 16 -22.82 8.75 -3.60
C ALA B 16 -21.61 8.68 -2.65
N GLN B 17 -21.15 9.83 -2.16
CA GLN B 17 -20.11 9.84 -1.10
C GLN B 17 -20.60 10.67 0.09
N ILE B 18 -20.34 10.26 1.33
CA ILE B 18 -20.51 11.23 2.44
C ILE B 18 -19.18 11.68 2.98
N LEU B 19 -19.09 12.96 3.26
CA LEU B 19 -17.83 13.55 3.64
C LEU B 19 -17.94 14.10 5.06
N VAL B 20 -17.06 13.63 5.95
CA VAL B 20 -16.86 14.25 7.28
C VAL B 20 -15.38 14.63 7.54
N ASN B 21 -15.14 15.48 8.54
CA ASN B 21 -13.79 15.61 9.09
C ASN B 21 -13.39 14.31 9.75
N GLN B 22 -12.38 13.63 9.20
CA GLN B 22 -12.03 12.27 9.63
C GLN B 22 -11.37 12.16 10.99
N VAL B 23 -10.92 13.28 11.53
CA VAL B 23 -10.45 13.33 12.94
C VAL B 23 -11.66 13.63 13.82
N GLY B 24 -12.38 14.70 13.48
CA GLY B 24 -13.67 14.98 14.09
C GLY B 24 -13.96 16.45 14.27
N TYR B 25 -14.69 16.76 15.34
CA TYR B 25 -15.10 18.12 15.62
C TYR B 25 -14.92 18.45 17.10
N HIS B 26 -14.73 19.73 17.39
CA HIS B 26 -14.85 20.24 18.76
C HIS B 26 -16.34 20.43 19.08
N PRO B 27 -16.76 20.06 20.31
CA PRO B 27 -18.16 20.18 20.76
C PRO B 27 -18.75 21.56 20.48
N ALA B 28 -17.94 22.60 20.68
CA ALA B 28 -18.43 23.96 20.61
C ALA B 28 -18.51 24.57 19.22
N THR B 29 -18.10 23.81 18.19
CA THR B 29 -17.99 24.40 16.84
C THR B 29 -19.10 23.94 15.89
N PRO B 30 -19.25 24.63 14.76
CA PRO B 30 -20.04 24.08 13.67
C PRO B 30 -19.54 22.70 13.26
N LYS B 31 -20.48 21.82 12.95
CA LYS B 31 -20.17 20.47 12.54
C LYS B 31 -20.87 20.13 11.20
N GLN B 32 -20.07 20.00 10.15
CA GLN B 32 -20.59 19.88 8.80
C GLN B 32 -20.45 18.46 8.28
N ALA B 33 -21.37 18.08 7.42
CA ALA B 33 -21.30 16.80 6.75
C ALA B 33 -21.85 17.01 5.36
N VAL B 34 -21.19 16.41 4.38
CA VAL B 34 -21.49 16.69 2.98
C VAL B 34 -21.72 15.40 2.22
N LEU B 35 -22.82 15.35 1.47
CA LEU B 35 -23.06 14.25 0.57
C LEU B 35 -22.89 14.73 -0.85
N ALA B 36 -22.05 14.01 -1.58
CA ALA B 36 -21.77 14.31 -2.96
C ALA B 36 -22.34 13.23 -3.84
N LEU B 37 -23.06 13.62 -4.88
CA LEU B 37 -23.69 12.65 -5.75
C LEU B 37 -22.80 12.22 -6.90
N ALA B 38 -23.03 10.99 -7.38
CA ALA B 38 -22.34 10.49 -8.56
C ALA B 38 -22.53 11.40 -9.77
N PRO B 39 -21.62 11.31 -10.75
CA PRO B 39 -21.69 12.04 -12.02
C PRO B 39 -23.04 11.90 -12.75
N GLY B 40 -23.49 10.67 -12.97
CA GLY B 40 -24.72 10.44 -13.73
C GLY B 40 -25.94 11.26 -13.31
N THR B 41 -25.81 11.94 -12.16
CA THR B 41 -26.94 12.30 -11.31
C THR B 41 -26.59 13.63 -10.64
N ALA B 42 -27.49 14.60 -10.63
CA ALA B 42 -28.70 14.64 -11.42
C ALA B 42 -28.31 15.01 -12.86
N ALA B 43 -29.27 15.44 -13.69
CA ALA B 43 -30.52 16.04 -13.22
C ALA B 43 -31.68 15.07 -13.14
N GLY B 44 -31.38 13.81 -12.83
CA GLY B 44 -32.40 12.85 -12.40
C GLY B 44 -32.89 12.97 -10.95
N ILE B 45 -32.44 14.01 -10.26
CA ILE B 45 -32.93 14.31 -8.91
C ILE B 45 -34.43 14.58 -8.97
N ARG B 46 -35.24 13.57 -8.64
CA ARG B 46 -36.68 13.77 -8.63
C ARG B 46 -37.03 14.97 -7.75
N PRO B 47 -38.04 15.75 -8.17
CA PRO B 47 -38.65 16.75 -7.30
C PRO B 47 -39.00 16.16 -5.92
N GLY B 48 -38.44 16.75 -4.88
CA GLY B 48 -38.78 16.36 -3.51
C GLY B 48 -37.73 15.47 -2.85
N TRP B 49 -36.87 14.86 -3.66
CA TRP B 49 -35.89 13.91 -3.16
C TRP B 49 -35.03 14.62 -2.15
N THR B 50 -34.89 13.99 -1.00
CA THR B 50 -34.06 14.55 0.05
C THR B 50 -33.42 13.40 0.79
N PRO B 51 -32.13 13.56 1.09
CA PRO B 51 -31.53 12.50 1.84
C PRO B 51 -31.71 12.75 3.34
N THR B 52 -31.91 11.66 4.08
CA THR B 52 -31.85 11.70 5.53
C THR B 52 -30.49 11.21 6.01
N LEU B 53 -29.89 11.99 6.90
CA LEU B 53 -28.64 11.64 7.56
C LEU B 53 -28.87 11.29 9.04
N GLN B 54 -28.26 10.19 9.48
CA GLN B 54 -28.12 9.91 10.90
C GLN B 54 -26.66 9.97 11.35
N ILE B 55 -26.41 10.70 12.44
CA ILE B 55 -25.24 10.46 13.26
C ILE B 55 -25.48 9.40 14.33
N VAL B 56 -24.65 8.36 14.28
CA VAL B 56 -24.86 7.11 14.97
C VAL B 56 -23.61 6.89 15.85
N ARG B 57 -23.82 6.36 17.05
CA ARG B 57 -22.72 6.02 17.93
C ARG B 57 -21.92 4.89 17.27
N ALA B 58 -20.62 4.86 17.52
CA ALA B 58 -19.78 3.85 16.86
C ALA B 58 -19.84 2.45 17.45
N ASP B 59 -20.13 2.33 18.74
CA ASP B 59 -20.43 0.99 19.30
C ASP B 59 -21.92 0.61 19.24
N ASP B 60 -22.78 1.48 19.76
CA ASP B 60 -24.23 1.24 19.85
C ASP B 60 -24.86 0.92 18.51
N GLY B 61 -24.56 1.74 17.51
CA GLY B 61 -25.44 1.91 16.38
C GLY B 61 -26.56 2.89 16.72
N GLN B 62 -26.53 3.40 17.95
CA GLN B 62 -27.64 4.21 18.44
C GLN B 62 -27.67 5.54 17.73
N VAL B 63 -28.83 5.84 17.16
CA VAL B 63 -29.07 7.13 16.50
C VAL B 63 -29.07 8.27 17.51
N VAL B 64 -28.35 9.34 17.21
CA VAL B 64 -28.04 10.26 18.26
C VAL B 64 -28.35 11.65 17.75
N TRP B 65 -28.50 11.71 16.43
CA TRP B 65 -28.85 12.93 15.69
C TRP B 65 -29.39 12.51 14.31
N GLU B 66 -30.40 13.21 13.83
CA GLU B 66 -31.09 12.89 12.58
C GLU B 66 -31.74 14.12 12.02
N GLY B 67 -31.46 14.39 10.75
CA GLY B 67 -31.98 15.55 10.04
C GLY B 67 -31.95 15.28 8.54
N THR B 68 -32.65 16.10 7.76
CA THR B 68 -32.51 16.16 6.30
C THR B 68 -31.26 16.97 5.93
N MET B 69 -30.64 16.63 4.81
CA MET B 69 -29.51 17.42 4.28
C MET B 69 -30.00 18.42 3.24
N ALA B 70 -29.58 19.66 3.36
CA ALA B 70 -30.03 20.74 2.47
C ALA B 70 -29.30 20.68 1.12
N GLY B 71 -29.96 21.18 0.07
CA GLY B 71 -29.46 21.09 -1.30
C GLY B 71 -30.59 20.74 -2.25
N PRO B 72 -30.27 20.45 -3.52
CA PRO B 72 -28.94 20.34 -4.11
C PRO B 72 -28.30 21.72 -4.35
N SER B 73 -26.98 21.80 -4.17
CA SER B 73 -26.23 22.92 -4.73
C SER B 73 -25.17 22.37 -5.62
N GLU B 74 -25.15 22.84 -6.87
CA GLU B 74 -24.13 22.44 -7.81
C GLU B 74 -22.83 23.24 -7.61
N ASP B 75 -21.72 22.52 -7.41
CA ASP B 75 -20.43 23.15 -7.14
C ASP B 75 -19.75 23.55 -8.44
N ARG B 76 -20.28 24.57 -9.11
CA ARG B 76 -20.09 24.72 -10.54
C ARG B 76 -18.73 25.37 -10.80
N LEU B 77 -18.24 26.12 -9.83
CA LEU B 77 -16.98 26.82 -10.00
C LEU B 77 -15.76 26.03 -9.53
N VAL B 78 -16.00 24.92 -8.81
CA VAL B 78 -14.91 24.14 -8.22
C VAL B 78 -14.90 22.66 -8.65
N SER B 79 -15.66 21.81 -7.98
CA SER B 79 -15.57 20.37 -8.27
C SER B 79 -16.52 19.92 -9.38
N GLY B 80 -17.58 20.69 -9.59
CA GLY B 80 -18.67 20.26 -10.47
C GLY B 80 -19.66 19.31 -9.81
N ASP B 81 -19.43 18.95 -8.54
CA ASP B 81 -20.30 17.97 -7.86
C ASP B 81 -21.63 18.62 -7.49
N THR B 82 -22.67 17.81 -7.39
CA THR B 82 -23.91 18.23 -6.76
C THR B 82 -23.95 17.76 -5.31
N LEU B 83 -24.09 18.70 -4.39
CA LEU B 83 -23.84 18.45 -2.97
C LEU B 83 -25.10 18.70 -2.13
N TYR B 84 -25.22 17.95 -1.04
CA TYR B 84 -26.20 18.25 0.02
C TYR B 84 -25.41 18.34 1.32
N ARG B 85 -25.91 19.13 2.26
CA ARG B 85 -25.12 19.39 3.45
C ARG B 85 -25.92 19.45 4.71
N ALA B 86 -25.40 18.81 5.76
CA ALA B 86 -25.99 18.92 7.08
C ALA B 86 -25.05 19.61 8.07
N ASP B 87 -25.65 20.18 9.10
CA ASP B 87 -24.95 20.86 10.17
C ASP B 87 -25.43 20.28 11.50
N PHE B 88 -24.64 19.39 12.08
CA PHE B 88 -25.07 18.74 13.28
C PHE B 88 -24.38 19.33 14.52
N THR B 89 -24.22 20.65 14.52
CA THR B 89 -23.69 21.36 15.67
C THR B 89 -24.30 20.85 16.97
N SER B 90 -25.60 20.54 16.94
CA SER B 90 -26.36 20.05 18.10
C SER B 90 -25.63 18.99 18.89
N LEU B 91 -25.03 18.04 18.19
CA LEU B 91 -24.41 16.92 18.86
C LEU B 91 -23.18 17.35 19.63
N THR B 92 -23.20 17.29 20.95
CA THR B 92 -22.05 17.76 21.74
C THR B 92 -21.49 16.76 22.73
N ALA B 93 -22.20 15.66 22.96
CA ALA B 93 -21.61 14.57 23.73
C ALA B 93 -20.26 14.14 23.13
N PRO B 94 -19.16 14.37 23.89
CA PRO B 94 -17.88 13.84 23.42
C PRO B 94 -18.00 12.35 23.20
N GLY B 95 -17.28 11.84 22.20
CA GLY B 95 -17.32 10.42 21.88
C GLY B 95 -17.15 10.20 20.40
N ARG B 96 -17.50 9.01 19.95
CA ARG B 96 -17.03 8.47 18.69
C ARG B 96 -18.22 8.01 17.84
N TYR B 97 -18.35 8.60 16.65
CA TYR B 97 -19.55 8.48 15.83
C TYR B 97 -19.26 8.10 14.38
N VAL B 98 -20.35 7.85 13.66
CA VAL B 98 -20.37 7.59 12.23
C VAL B 98 -21.55 8.36 11.63
N ALA B 99 -21.36 8.98 10.46
CA ALA B 99 -22.45 9.56 9.69
C ALA B 99 -22.99 8.59 8.65
N GLN B 100 -24.27 8.26 8.75
CA GLN B 100 -24.89 7.21 7.93
C GLN B 100 -25.98 7.88 7.12
N VAL B 101 -25.87 7.82 5.79
CA VAL B 101 -26.94 8.31 4.95
C VAL B 101 -27.90 7.16 4.85
N VAL B 102 -29.17 7.42 5.15
CA VAL B 102 -30.16 6.33 5.17
C VAL B 102 -30.41 5.77 3.75
N GLY B 103 -30.21 4.48 3.56
CA GLY B 103 -30.21 3.88 2.23
C GLY B 103 -29.09 4.44 1.36
N GLY B 104 -28.06 4.99 2.00
CA GLY B 104 -26.90 5.53 1.29
C GLY B 104 -25.55 5.14 1.88
N PRO B 105 -24.51 5.95 1.64
CA PRO B 105 -23.23 5.50 2.11
C PRO B 105 -23.02 5.84 3.59
N ARG B 106 -22.12 5.10 4.20
CA ARG B 106 -21.77 5.26 5.61
C ARG B 106 -20.35 5.89 5.67
N SER B 107 -20.15 6.88 6.54
CA SER B 107 -18.85 7.51 6.72
C SER B 107 -17.92 6.65 7.58
N PRO B 108 -16.61 7.00 7.63
CA PRO B 108 -15.76 6.47 8.70
C PRO B 108 -16.09 7.05 10.08
N GLU B 109 -15.54 6.42 11.14
CA GLU B 109 -15.73 6.93 12.51
C GLU B 109 -14.99 8.25 12.65
N PHE B 110 -15.52 9.12 13.48
CA PHE B 110 -14.82 10.33 13.86
C PHE B 110 -15.15 10.62 15.32
N ALA B 111 -14.39 11.52 15.92
CA ALA B 111 -14.62 11.92 17.31
C ALA B 111 -15.30 13.28 17.39
N ILE B 112 -16.03 13.49 18.49
CA ILE B 112 -16.31 14.82 19.00
C ILE B 112 -15.55 14.96 20.31
N GLY B 113 -14.87 16.08 20.48
CA GLY B 113 -13.95 16.27 21.60
C GLY B 113 -12.92 17.34 21.26
N PRO B 114 -11.82 17.39 22.03
CA PRO B 114 -10.80 18.42 21.81
C PRO B 114 -9.78 18.00 20.71
N VAL B 115 -10.26 17.81 19.48
CA VAL B 115 -9.49 17.06 18.50
C VAL B 115 -8.29 17.86 17.97
N TYR B 116 -8.36 19.18 17.97
CA TYR B 116 -7.28 19.96 17.41
C TYR B 116 -6.03 20.05 18.27
N ARG B 117 -6.12 19.63 19.52
CA ARG B 117 -4.93 19.42 20.34
C ARG B 117 -4.09 18.31 19.76
N ASP B 118 -4.75 17.22 19.36
CA ASP B 118 -4.06 16.10 18.72
C ASP B 118 -3.56 16.44 17.31
N VAL B 119 -4.30 17.27 16.61
CA VAL B 119 -3.93 17.67 15.27
C VAL B 119 -2.75 18.63 15.31
N LEU B 120 -2.85 19.66 16.15
CA LEU B 120 -1.77 20.59 16.39
C LEU B 120 -0.52 19.86 16.83
N TYR B 121 -0.68 18.92 17.74
CA TYR B 121 0.41 18.09 18.15
C TYR B 121 1.16 17.46 16.97
N ALA B 122 0.45 16.70 16.13
CA ALA B 122 1.12 15.91 15.09
C ALA B 122 1.79 16.84 14.06
N ALA B 123 1.12 17.94 13.76
CA ALA B 123 1.58 18.90 12.80
C ALA B 123 2.91 19.56 13.21
N ALA B 124 2.97 20.01 14.46
CA ALA B 124 4.13 20.75 14.95
C ALA B 124 5.27 19.82 15.22
N ARG B 125 4.94 18.62 15.69
CA ARG B 125 5.97 17.64 15.97
C ARG B 125 6.63 17.05 14.72
N SER B 126 5.90 16.99 13.61
CA SER B 126 6.49 16.44 12.39
C SER B 126 7.81 17.15 12.05
N TYR B 127 7.90 18.44 12.40
CA TYR B 127 9.12 19.22 12.16
C TYR B 127 10.33 18.62 12.86
N TYR B 128 10.12 18.13 14.08
CA TYR B 128 11.17 17.42 14.79
C TYR B 128 11.60 16.19 14.00
N LEU B 129 10.62 15.50 13.44
CA LEU B 129 10.92 14.28 12.68
C LEU B 129 11.60 14.59 11.32
N GLN B 130 11.59 15.85 10.92
CA GLN B 130 12.16 16.29 9.64
C GLN B 130 13.57 16.87 9.83
N ARG B 131 14.01 16.92 11.09
CA ARG B 131 15.25 17.55 11.46
C ARG B 131 16.44 16.87 10.79
N CYS B 132 17.36 17.69 10.27
CA CYS B 132 18.58 17.19 9.62
C CYS B 132 19.78 17.28 10.57
N GLY B 133 20.70 16.33 10.43
CA GLY B 133 22.00 16.42 11.08
C GLY B 133 22.00 15.84 12.49
N VAL B 134 21.06 14.95 12.78
CA VAL B 134 20.91 14.41 14.14
C VAL B 134 20.26 13.03 14.09
N ALA B 135 20.67 12.15 15.00
CA ALA B 135 20.10 10.81 15.09
C ALA B 135 18.69 10.88 15.67
N ILE B 136 17.81 10.03 15.15
CA ILE B 136 16.46 9.90 15.69
C ILE B 136 16.10 8.44 15.88
N ASP B 137 15.50 8.16 17.03
CA ASP B 137 14.98 6.85 17.37
C ASP B 137 13.75 7.09 18.24
N ASP B 138 12.67 7.51 17.59
CA ASP B 138 11.51 8.01 18.29
C ASP B 138 10.64 6.82 18.66
N PRO B 139 10.47 6.58 19.96
CA PRO B 139 9.60 5.45 20.27
C PRO B 139 8.11 5.83 20.13
N ILE B 140 7.77 7.11 20.32
CA ILE B 140 6.38 7.52 20.16
C ILE B 140 5.87 7.19 18.76
N THR B 141 6.78 7.28 17.80
CA THR B 141 6.46 7.28 16.39
C THR B 141 7.02 6.06 15.62
N GLY B 142 8.12 5.49 16.07
CA GLY B 142 8.72 4.38 15.36
C GLY B 142 9.73 4.85 14.32
N VAL B 143 9.91 6.17 14.25
CA VAL B 143 10.72 6.79 13.21
C VAL B 143 12.15 6.84 13.70
N SER B 144 13.07 6.31 12.91
CA SER B 144 14.46 6.40 13.27
C SER B 144 15.41 6.41 12.07
N HIS B 145 16.53 7.10 12.24
CA HIS B 145 17.64 7.00 11.32
C HIS B 145 18.88 7.43 12.08
N ALA B 146 20.05 7.01 11.61
CA ALA B 146 21.31 7.46 12.22
C ALA B 146 21.64 8.86 11.75
N LEU B 147 22.60 9.48 12.39
CA LEU B 147 22.97 10.82 12.09
C LEU B 147 23.24 10.99 10.62
N ASP B 148 22.77 12.09 10.07
CA ASP B 148 22.76 12.26 8.62
C ASP B 148 23.41 13.58 8.19
N HIS B 149 24.01 13.58 6.99
CA HIS B 149 24.33 14.86 6.35
C HIS B 149 25.24 15.66 7.30
N HIS B 150 26.23 15.00 7.91
CA HIS B 150 27.11 15.64 8.88
C HIS B 150 28.22 16.42 8.16
N GLU B 151 28.30 16.26 6.84
CA GLU B 151 29.27 17.03 6.06
C GLU B 151 28.69 18.30 5.47
N ASP B 152 27.51 18.75 5.93
CA ASP B 152 26.88 19.97 5.37
C ASP B 152 27.69 21.20 5.80
N GLY B 153 28.21 21.99 4.85
CA GLY B 153 28.37 21.58 3.45
C GLY B 153 29.38 22.50 2.78
N TYR B 154 29.49 22.40 1.45
CA TYR B 154 30.58 23.11 0.74
C TYR B 154 30.12 24.22 -0.21
N VAL B 155 30.82 25.36 -0.13
CA VAL B 155 30.49 26.53 -0.93
C VAL B 155 30.59 26.21 -2.42
N LEU B 156 29.53 26.48 -3.17
CA LEU B 156 29.51 26.06 -4.57
C LEU B 156 30.26 27.03 -5.49
N VAL B 157 30.06 28.32 -5.30
CA VAL B 157 30.71 29.28 -6.16
C VAL B 157 31.50 30.29 -5.31
N ASP B 158 32.60 30.78 -5.88
CA ASP B 158 33.37 31.87 -5.29
C ASP B 158 32.48 33.03 -4.90
N ASP B 159 32.69 33.56 -3.70
CA ASP B 159 32.10 34.86 -3.36
C ASP B 159 33.11 35.72 -2.62
N PRO B 160 32.72 36.92 -2.19
CA PRO B 160 33.70 37.83 -1.61
C PRO B 160 34.43 37.21 -0.44
N PHE B 161 33.86 36.17 0.17
CA PHE B 161 34.44 35.63 1.38
C PHE B 161 35.08 34.25 1.23
N TYR B 162 34.49 33.41 0.39
CA TYR B 162 34.90 32.02 0.33
C TYR B 162 35.17 31.58 -1.08
N ARG B 163 36.26 30.84 -1.25
CA ARG B 163 36.54 30.11 -2.46
C ARG B 163 35.51 29.00 -2.65
N ALA B 164 35.16 28.71 -3.89
CA ALA B 164 34.44 27.49 -4.21
C ALA B 164 35.15 26.32 -3.57
N GLY B 165 34.41 25.49 -2.85
CA GLY B 165 34.97 24.35 -2.13
C GLY B 165 35.23 24.58 -0.65
N THR B 166 35.12 25.81 -0.14
CA THR B 166 35.27 25.99 1.31
C THR B 166 34.16 25.25 2.05
N ARG B 167 34.55 24.40 3.00
CA ARG B 167 33.63 23.79 3.96
C ARG B 167 33.03 24.82 4.91
N LEU B 168 31.70 24.97 4.91
CA LEU B 168 31.01 25.71 5.97
C LEU B 168 30.40 24.74 6.95
N GLU B 169 30.43 25.10 8.23
CA GLU B 169 29.70 24.38 9.28
C GLU B 169 28.21 24.75 9.20
N ALA B 170 27.43 24.00 8.43
CA ALA B 170 26.03 24.40 8.15
C ALA B 170 25.11 23.19 8.31
N THR B 171 25.37 22.46 9.36
CA THR B 171 24.66 21.29 9.77
C THR B 171 23.35 21.76 10.41
N GLY B 172 22.37 20.86 10.54
CA GLY B 172 21.16 21.18 11.29
C GLY B 172 20.04 21.61 10.35
N GLY B 173 19.02 22.26 10.89
CA GLY B 173 17.84 22.67 10.10
C GLY B 173 16.89 21.54 9.77
N TRP B 174 15.98 21.75 8.82
CA TRP B 174 14.96 20.73 8.49
C TRP B 174 15.15 20.25 7.09
N HIS B 175 15.04 18.94 6.89
CA HIS B 175 14.71 18.46 5.54
C HIS B 175 13.43 19.13 5.06
N ASP B 176 13.44 19.60 3.83
CA ASP B 176 12.41 20.51 3.36
C ASP B 176 11.05 19.80 3.23
N ALA B 177 11.06 18.55 2.80
CA ALA B 177 9.92 18.01 2.09
C ALA B 177 10.05 16.50 2.07
N GLY B 178 9.93 15.90 0.88
CA GLY B 178 10.24 14.48 0.69
C GLY B 178 11.71 14.25 0.37
N ASP B 179 12.41 15.35 0.05
CA ASP B 179 13.85 15.29 -0.12
C ASP B 179 14.56 15.69 1.15
N TYR B 180 15.87 15.80 1.06
CA TYR B 180 16.68 16.13 2.22
C TYR B 180 17.37 17.47 2.06
N GLY B 181 17.11 18.16 0.96
CA GLY B 181 17.66 19.50 0.78
C GLY B 181 17.17 20.42 1.88
N LYS B 182 17.91 21.51 2.09
CA LYS B 182 17.60 22.47 3.14
C LYS B 182 17.59 23.85 2.51
N TYR B 183 16.44 24.52 2.61
CA TYR B 183 16.25 25.77 1.89
C TYR B 183 15.93 26.95 2.79
N VAL B 184 16.59 28.06 2.54
CA VAL B 184 16.33 29.25 3.34
C VAL B 184 14.97 29.85 3.04
N THR B 185 14.54 29.75 1.78
CA THR B 185 13.35 30.48 1.39
C THR B 185 12.13 29.95 2.19
N THR B 186 12.04 28.63 2.33
CA THR B 186 10.91 28.00 3.04
C THR B 186 11.18 27.94 4.53
N THR B 187 12.42 27.65 4.89
CA THR B 187 12.81 27.58 6.29
C THR B 187 12.42 28.88 6.99
N ALA B 188 12.66 30.01 6.32
CA ALA B 188 12.46 31.29 6.99
C ALA B 188 10.97 31.64 7.13
N VAL B 189 10.17 31.41 6.10
CA VAL B 189 8.75 31.72 6.21
C VAL B 189 8.05 30.69 7.08
N THR B 190 8.64 29.51 7.14
CA THR B 190 8.14 28.46 8.00
C THR B 190 8.34 28.85 9.44
N ALA B 191 9.55 29.33 9.77
CA ALA B 191 9.82 29.66 11.15
C ALA B 191 8.91 30.82 11.56
N ALA B 192 8.60 31.70 10.62
CA ALA B 192 7.97 32.96 10.93
C ALA B 192 6.48 32.75 11.21
N GLN B 193 5.87 31.84 10.46
CA GLN B 193 4.45 31.51 10.64
C GLN B 193 4.28 30.70 11.90
N LEU B 194 5.23 29.84 12.18
CA LEU B 194 5.21 29.14 13.42
C LEU B 194 5.35 30.16 14.55
N LEU B 195 6.15 31.19 14.33
CA LEU B 195 6.28 32.20 15.38
C LEU B 195 4.96 32.98 15.51
N LYS B 196 4.36 33.33 14.39
CA LYS B 196 3.05 33.96 14.42
C LYS B 196 2.07 33.09 15.23
N ALA B 197 2.06 31.79 14.96
CA ALA B 197 1.22 30.87 15.70
C ALA B 197 1.35 31.12 17.19
N TYR B 198 2.58 31.05 17.68
CA TYR B 198 2.78 31.06 19.12
C TYR B 198 2.40 32.42 19.69
N GLU B 199 2.62 33.46 18.89
CA GLU B 199 2.46 34.82 19.37
C GLU B 199 0.98 35.17 19.53
N LEU B 200 0.16 34.65 18.63
CA LEU B 200 -1.28 34.83 18.75
C LEU B 200 -1.93 33.88 19.75
N TYR B 201 -1.36 32.70 19.93
CA TYR B 201 -2.07 31.60 20.60
C TYR B 201 -1.20 30.94 21.65
N PRO B 202 -0.53 31.75 22.47
CA PRO B 202 0.43 31.21 23.43
C PRO B 202 -0.15 30.09 24.27
N GLN B 203 -1.44 30.20 24.58
CA GLN B 203 -2.12 29.22 25.43
C GLN B 203 -2.13 27.81 24.83
N ALA B 204 -1.93 27.72 23.50
CA ALA B 204 -2.07 26.44 22.81
C ALA B 204 -0.74 25.67 22.83
N PHE B 205 0.30 26.34 23.32
CA PHE B 205 1.63 25.76 23.34
C PHE B 205 2.19 25.80 24.75
N ALA B 206 3.06 24.86 25.05
CA ALA B 206 3.56 24.65 26.39
C ALA B 206 4.94 24.01 26.27
N ASP B 207 5.80 24.27 27.25
CA ASP B 207 6.99 23.44 27.45
C ASP B 207 6.58 21.98 27.70
N GLY B 208 7.27 21.01 27.11
CA GLY B 208 6.88 19.60 27.19
C GLY B 208 5.85 19.12 26.17
N GLN B 209 5.14 20.05 25.52
CA GLN B 209 4.05 19.70 24.58
C GLN B 209 4.43 18.65 23.55
N LEU B 210 5.60 18.81 22.95
CA LEU B 210 5.90 18.10 21.70
C LEU B 210 6.88 16.98 21.91
N HIS B 211 7.30 16.76 23.14
CA HIS B 211 8.19 15.63 23.45
C HIS B 211 9.46 15.63 22.59
N LEU B 212 10.16 16.75 22.64
CA LEU B 212 11.36 16.99 21.85
C LEU B 212 12.58 16.78 22.74
N PRO B 213 13.79 16.92 22.19
CA PRO B 213 14.98 16.93 23.05
C PRO B 213 14.97 18.11 24.01
N GLU B 214 14.30 19.19 23.63
CA GLU B 214 14.36 20.41 24.42
C GLU B 214 13.12 20.55 25.30
N SER B 215 12.37 19.46 25.45
CA SER B 215 11.14 19.50 26.23
C SER B 215 11.50 19.60 27.71
N GLY B 216 10.82 20.48 28.43
CA GLY B 216 11.12 20.68 29.85
C GLY B 216 12.36 21.53 30.08
N ASN B 217 12.62 22.46 29.17
CA ASN B 217 13.68 23.42 29.39
C ASN B 217 13.11 24.80 29.75
N GLY B 218 11.84 24.84 30.15
CA GLY B 218 11.19 26.10 30.48
C GLY B 218 10.79 26.93 29.28
N VAL B 219 11.11 26.46 28.08
CA VAL B 219 10.62 27.10 26.85
C VAL B 219 9.48 26.31 26.20
N PRO B 220 8.45 27.03 25.72
CA PRO B 220 7.45 26.38 24.84
C PRO B 220 8.14 25.65 23.67
N ASP B 221 7.97 24.34 23.61
CA ASP B 221 8.60 23.55 22.57
C ASP B 221 8.49 24.18 21.19
N ILE B 222 7.31 24.66 20.84
CA ILE B 222 7.16 25.18 19.51
C ILE B 222 8.32 26.17 19.25
N LEU B 223 8.73 26.90 20.27
CA LEU B 223 9.78 27.91 20.07
C LEU B 223 11.16 27.24 19.99
N ASP B 224 11.30 26.14 20.71
CA ASP B 224 12.45 25.29 20.51
C ASP B 224 12.58 24.83 19.06
N GLU B 225 11.46 24.41 18.45
CA GLU B 225 11.52 23.81 17.12
C GLU B 225 11.91 24.92 16.16
N VAL B 226 11.36 26.09 16.42
CA VAL B 226 11.72 27.27 15.66
C VAL B 226 13.22 27.54 15.75
N ARG B 227 13.74 27.49 16.98
CA ARG B 227 15.15 27.79 17.24
C ARG B 227 16.07 26.90 16.42
N TRP B 228 15.81 25.59 16.43
CA TRP B 228 16.51 24.68 15.54
C TRP B 228 16.62 25.24 14.12
N GLY B 229 15.50 25.75 13.61
CA GLY B 229 15.49 26.27 12.25
C GLY B 229 16.30 27.55 12.12
N LEU B 230 16.12 28.48 13.06
CA LEU B 230 16.73 29.81 12.95
C LEU B 230 18.23 29.69 13.18
N GLU B 231 18.61 28.71 13.99
CA GLU B 231 20.01 28.41 14.23
C GLU B 231 20.68 27.90 12.96
N TRP B 232 19.99 27.10 12.16
CA TRP B 232 20.57 26.75 10.88
C TRP B 232 20.72 27.96 9.95
N LEU B 233 19.73 28.89 9.97
CA LEU B 233 19.86 30.14 9.21
C LEU B 233 21.14 30.92 9.55
N PHE B 234 21.47 30.99 10.84
CA PHE B 234 22.67 31.68 11.25
C PHE B 234 23.87 31.10 10.48
N ARG B 235 23.92 29.78 10.35
CA ARG B 235 25.03 29.12 9.65
C ARG B 235 25.05 29.40 8.14
N MET B 236 23.96 29.96 7.61
CA MET B 236 23.86 30.27 6.18
C MET B 236 24.11 31.74 5.88
N GLN B 237 24.47 32.52 6.90
CA GLN B 237 24.76 33.93 6.72
C GLN B 237 26.28 34.18 6.58
N ARG B 238 26.70 34.83 5.48
CA ARG B 238 28.09 35.25 5.39
C ARG B 238 28.37 36.50 6.19
N PRO B 239 29.67 36.87 6.28
CA PRO B 239 30.00 37.95 7.20
C PRO B 239 29.49 39.34 6.78
N ASP B 240 29.16 39.56 5.53
CA ASP B 240 28.58 40.84 5.14
C ASP B 240 27.08 40.92 5.44
N GLY B 241 26.53 39.85 5.99
CA GLY B 241 25.08 39.77 6.23
C GLY B 241 24.23 39.08 5.17
N ALA B 242 24.76 38.80 3.99
CA ALA B 242 23.99 38.07 2.98
C ALA B 242 23.71 36.64 3.45
N VAL B 243 22.70 36.01 2.87
CA VAL B 243 22.28 34.70 3.35
C VAL B 243 22.16 33.77 2.17
N TYR B 244 22.89 32.66 2.24
CA TYR B 244 22.91 31.69 1.15
C TYR B 244 21.53 31.07 0.91
N HIS B 245 21.30 30.65 -0.33
CA HIS B 245 19.96 30.31 -0.79
C HIS B 245 19.53 28.95 -0.24
N LYS B 246 20.39 27.94 -0.36
CA LYS B 246 20.01 26.57 -0.01
C LYS B 246 21.25 25.68 0.15
N LEU B 247 21.03 24.45 0.66
CA LEU B 247 22.10 23.48 0.81
C LEU B 247 21.60 22.09 0.41
N ALA B 248 22.25 21.50 -0.60
CA ALA B 248 21.78 20.26 -1.19
C ALA B 248 22.91 19.60 -1.96
N GLY B 249 22.64 18.38 -2.43
CA GLY B 249 23.59 17.61 -3.22
C GLY B 249 23.38 17.93 -4.69
N LEU B 250 24.35 17.57 -5.53
CA LEU B 250 24.26 17.88 -6.94
C LEU B 250 23.24 16.96 -7.58
N ARG B 251 22.94 15.85 -6.93
CA ARG B 251 21.98 14.88 -7.44
C ARG B 251 20.84 14.70 -6.45
N TRP B 252 19.65 14.42 -6.96
CA TRP B 252 18.55 13.96 -6.15
C TRP B 252 18.87 12.56 -5.60
N PRO B 253 18.67 12.36 -4.28
CA PRO B 253 18.80 11.01 -3.72
C PRO B 253 17.71 10.09 -4.26
N GLY B 254 17.98 8.79 -4.28
CA GLY B 254 16.91 7.80 -4.49
C GLY B 254 15.97 7.76 -3.30
N MET B 255 15.02 6.83 -3.31
CA MET B 255 14.22 6.57 -2.14
C MET B 255 15.03 5.83 -1.09
N ILE B 256 15.95 6.55 -0.41
CA ILE B 256 16.89 5.95 0.51
C ILE B 256 16.79 6.72 1.81
N ARG B 257 17.43 6.23 2.88
CA ARG B 257 17.40 6.92 4.17
C ARG B 257 18.43 8.03 4.13
N PRO B 258 18.26 9.08 4.96
CA PRO B 258 19.16 10.22 4.92
C PRO B 258 20.64 9.85 5.21
N GLU B 259 20.86 8.84 6.07
CA GLU B 259 22.22 8.42 6.44
C GLU B 259 22.90 7.84 5.24
N GLN B 260 22.10 7.28 4.34
CA GLN B 260 22.67 6.71 3.13
C GLN B 260 22.88 7.79 2.06
N ASP B 261 22.35 8.98 2.29
CA ASP B 261 22.54 10.09 1.34
C ASP B 261 23.88 10.79 1.57
N VAL B 262 24.93 10.26 0.95
CA VAL B 262 26.30 10.38 1.43
C VAL B 262 27.09 11.33 0.47
N GLN B 263 26.55 11.54 -0.72
CA GLN B 263 27.04 12.58 -1.62
C GLN B 263 27.41 13.91 -0.93
N ARG B 264 28.42 14.58 -1.47
CA ARG B 264 28.85 15.86 -0.94
C ARG B 264 27.76 16.90 -1.21
N ARG B 265 27.60 17.84 -0.30
CA ARG B 265 26.47 18.74 -0.36
C ARG B 265 26.97 20.18 -0.35
N TYR B 266 26.27 21.04 -1.07
CA TYR B 266 26.81 22.33 -1.42
C TYR B 266 25.91 23.48 -0.98
N VAL B 267 26.56 24.57 -0.59
CA VAL B 267 25.86 25.75 -0.17
C VAL B 267 25.74 26.67 -1.37
N TYR B 268 24.50 26.97 -1.78
CA TYR B 268 24.27 27.73 -3.01
C TYR B 268 24.27 29.23 -2.77
N ARG B 269 24.39 29.99 -3.87
CA ARG B 269 24.68 31.42 -3.80
C ARG B 269 23.63 32.20 -3.01
N ILE B 270 24.02 33.34 -2.49
CA ILE B 270 23.10 34.19 -1.76
C ILE B 270 22.00 34.75 -2.66
N THR B 271 21.03 35.34 -2.00
CA THR B 271 19.90 35.94 -2.65
C THR B 271 19.50 37.10 -1.71
N THR B 272 19.03 38.20 -2.30
CA THR B 272 18.37 39.26 -1.54
C THR B 272 17.06 38.87 -0.85
N GLN B 273 16.24 38.04 -1.49
CA GLN B 273 14.98 37.63 -0.86
C GLN B 273 15.19 36.74 0.35
N ASP B 274 16.14 35.81 0.27
CA ASP B 274 16.56 35.01 1.45
C ASP B 274 17.12 35.84 2.60
N THR B 275 18.03 36.76 2.26
CA THR B 275 18.59 37.67 3.24
C THR B 275 17.46 38.43 3.94
N ALA B 276 16.53 38.93 3.14
CA ALA B 276 15.40 39.70 3.67
C ALA B 276 14.50 38.82 4.54
N LYS B 277 14.09 37.68 3.97
CA LYS B 277 13.24 36.71 4.69
C LYS B 277 13.85 36.34 6.03
N ALA B 278 15.14 36.09 6.01
CA ALA B 278 15.85 35.72 7.24
C ALA B 278 15.90 36.88 8.25
N ALA B 279 16.23 38.07 7.75
CA ALA B 279 16.18 39.30 8.58
C ALA B 279 14.85 39.36 9.30
N ALA B 280 13.76 39.33 8.52
CA ALA B 280 12.40 39.32 9.07
C ALA B 280 12.15 38.28 10.17
N ALA B 281 12.60 37.05 9.94
CA ALA B 281 12.29 35.93 10.81
C ALA B 281 13.08 36.10 12.08
N TRP B 282 14.35 36.46 11.92
CA TRP B 282 15.22 36.74 13.05
C TRP B 282 14.60 37.88 13.85
N ALA B 283 14.20 38.93 13.14
CA ALA B 283 13.67 40.11 13.82
C ALA B 283 12.43 39.71 14.63
N MET B 284 11.55 38.90 14.02
CA MET B 284 10.37 38.41 14.74
C MET B 284 10.77 37.65 15.97
N ALA B 285 11.80 36.84 15.85
CA ALA B 285 12.22 36.00 16.98
C ALA B 285 12.92 36.82 18.06
N ALA B 286 13.50 37.94 17.66
CA ALA B 286 14.08 38.83 18.67
C ALA B 286 12.97 39.32 19.60
N ARG B 287 11.84 39.70 19.02
CA ARG B 287 10.66 40.10 19.80
C ARG B 287 10.16 38.95 20.67
N ILE B 288 9.91 37.80 20.05
CA ILE B 288 9.15 36.75 20.72
C ILE B 288 9.96 35.99 21.76
N PHE B 289 11.26 35.86 21.54
CA PHE B 289 12.12 35.16 22.49
C PHE B 289 12.52 36.04 23.68
N ALA B 290 12.32 37.35 23.56
CA ALA B 290 12.67 38.28 24.66
C ALA B 290 12.48 37.64 26.04
N PRO B 291 11.26 37.16 26.34
CA PRO B 291 10.95 36.65 27.69
C PRO B 291 11.74 35.40 28.07
N PHE B 292 12.42 34.81 27.10
CA PHE B 292 12.75 33.39 27.19
C PHE B 292 14.26 33.10 27.18
N ASP B 293 14.98 33.84 26.34
CA ASP B 293 16.43 33.65 26.16
C ASP B 293 16.95 34.94 25.56
N ALA B 294 17.40 35.84 26.43
CA ALA B 294 17.80 37.18 26.03
C ALA B 294 18.97 37.10 25.05
N ALA B 295 19.89 36.18 25.33
CA ALA B 295 21.07 35.97 24.49
C ALA B 295 20.69 35.56 23.07
N PHE B 296 19.86 34.52 22.97
CA PHE B 296 19.31 34.15 21.67
C PHE B 296 18.66 35.34 20.96
N ALA B 297 17.85 36.10 21.68
CA ALA B 297 17.14 37.21 21.06
C ALA B 297 18.12 38.24 20.49
N ARG B 298 19.14 38.57 21.29
CA ARG B 298 20.13 39.54 20.83
C ARG B 298 20.95 39.03 19.63
N LYS B 299 21.39 37.78 19.69
CA LYS B 299 21.91 37.11 18.48
C LYS B 299 21.02 37.28 17.23
N ALA B 300 19.75 36.90 17.37
CA ALA B 300 18.79 37.00 16.25
C ALA B 300 18.72 38.41 15.72
N LEU B 301 18.71 39.37 16.63
CA LEU B 301 18.70 40.77 16.27
C LEU B 301 19.93 41.14 15.43
N ALA B 302 21.11 40.88 15.97
CA ALA B 302 22.34 41.35 15.29
C ALA B 302 22.42 40.80 13.87
N ALA B 303 22.02 39.53 13.73
CA ALA B 303 21.89 38.87 12.44
C ALA B 303 20.91 39.59 11.51
N ALA B 304 19.74 39.97 12.03
CA ALA B 304 18.78 40.71 11.22
C ALA B 304 19.36 42.05 10.75
N GLU B 305 19.92 42.77 11.71
CA GLU B 305 20.55 44.06 11.43
C GLU B 305 21.62 43.95 10.36
N GLN B 306 22.51 42.97 10.53
CA GLN B 306 23.59 42.73 9.56
C GLN B 306 22.99 42.41 8.18
N ALA B 307 21.90 41.65 8.18
CA ALA B 307 21.21 41.30 6.94
C ALA B 307 20.60 42.54 6.26
N TRP B 308 20.03 43.44 7.08
CA TRP B 308 19.51 44.72 6.59
C TRP B 308 20.64 45.60 6.02
N ARG B 309 21.80 45.56 6.67
CA ARG B 309 22.96 46.34 6.21
C ARG B 309 23.40 45.86 4.85
N PHE B 310 23.44 44.55 4.67
CA PHE B 310 23.63 44.04 3.32
C PHE B 310 22.59 44.64 2.36
N LEU B 311 21.32 44.55 2.77
CA LEU B 311 20.22 44.87 1.85
C LEU B 311 20.23 46.34 1.46
N ALA B 312 20.41 47.22 2.45
CA ALA B 312 20.66 48.66 2.23
C ALA B 312 21.67 48.97 1.12
N ALA B 313 22.74 48.18 1.06
CA ALA B 313 23.78 48.41 0.08
C ALA B 313 23.48 47.81 -1.30
N SER B 314 22.42 47.03 -1.41
CA SER B 314 22.39 46.07 -2.50
C SER B 314 21.17 46.15 -3.41
N GLY B 315 21.40 46.17 -4.72
CA GLY B 315 20.36 45.87 -5.69
C GLY B 315 19.69 44.54 -5.36
N PRO B 316 18.68 44.16 -6.15
CA PRO B 316 18.21 42.78 -6.20
C PRO B 316 19.34 41.84 -6.60
N ILE B 317 19.53 40.77 -5.82
CA ILE B 317 20.30 39.61 -6.27
C ILE B 317 19.42 38.37 -6.22
N LEU B 318 18.98 37.96 -7.39
CA LEU B 318 17.85 37.05 -7.49
C LEU B 318 18.10 36.08 -8.61
N ASP B 319 19.31 35.52 -8.65
CA ASP B 319 19.70 34.62 -9.72
C ASP B 319 19.43 33.17 -9.31
N TYR B 320 18.71 32.47 -10.17
CA TYR B 320 18.38 31.08 -9.95
C TYR B 320 18.71 30.32 -11.20
N PRO B 321 20.02 30.04 -11.40
CA PRO B 321 20.43 29.32 -12.60
C PRO B 321 19.84 27.92 -12.62
N ALA B 322 19.46 27.48 -13.82
CA ALA B 322 18.83 26.21 -14.02
C ALA B 322 19.70 25.10 -13.45
N GLU B 323 21.01 25.24 -13.62
CA GLU B 323 21.96 24.21 -13.26
C GLU B 323 21.96 23.98 -11.75
N ASP B 324 21.53 24.98 -10.99
CA ASP B 324 21.46 24.84 -9.52
C ASP B 324 20.32 23.92 -9.03
N ASN B 325 19.44 23.52 -9.94
CA ASN B 325 18.33 22.62 -9.61
C ASN B 325 18.64 21.17 -9.95
N SER B 326 19.93 20.86 -10.16
CA SER B 326 20.33 19.49 -10.49
C SER B 326 20.03 18.46 -9.39
N GLY B 327 19.98 18.89 -8.12
CA GLY B 327 19.69 17.95 -7.01
C GLY B 327 18.68 18.50 -6.01
N SER B 328 17.92 19.51 -6.40
CA SER B 328 17.11 20.25 -5.45
C SER B 328 16.23 21.26 -6.19
N GLY B 329 15.19 21.75 -5.52
CA GLY B 329 14.25 22.69 -6.12
C GLY B 329 14.80 24.12 -6.15
N PRO B 330 14.20 24.99 -6.99
CA PRO B 330 14.70 26.37 -7.13
C PRO B 330 14.29 27.34 -6.03
N TYR B 331 13.04 27.25 -5.57
CA TYR B 331 12.46 28.35 -4.82
C TYR B 331 12.85 29.73 -5.38
N ASP B 332 12.47 29.95 -6.64
CA ASP B 332 12.98 31.07 -7.39
C ASP B 332 12.07 32.29 -7.26
N ASP B 333 12.12 32.93 -6.09
CA ASP B 333 11.30 34.11 -5.80
C ASP B 333 11.99 35.31 -6.45
N ARG B 334 11.35 35.88 -7.47
CA ARG B 334 12.06 36.76 -8.42
C ARG B 334 11.72 38.22 -8.15
N ASP B 335 11.34 38.50 -6.91
CA ASP B 335 11.12 39.85 -6.50
C ASP B 335 11.32 39.92 -5.01
N ASP B 336 12.20 40.79 -4.53
CA ASP B 336 12.46 40.90 -3.09
C ASP B 336 11.74 42.04 -2.44
N ALA B 337 10.87 42.69 -3.22
CA ALA B 337 10.27 43.94 -2.73
C ALA B 337 9.39 43.68 -1.52
N ASP B 338 8.52 42.67 -1.62
CA ASP B 338 7.64 42.32 -0.51
C ASP B 338 8.42 41.73 0.64
N ASP B 339 9.54 41.08 0.32
CA ASP B 339 10.44 40.55 1.37
C ASP B 339 11.15 41.65 2.18
N ARG B 340 11.72 42.61 1.44
CA ARG B 340 12.39 43.75 2.10
C ARG B 340 11.40 44.46 3.01
N PHE B 341 10.21 44.70 2.48
CA PHE B 341 9.16 45.36 3.25
C PHE B 341 8.87 44.62 4.55
N TRP B 342 8.81 43.29 4.47
CA TRP B 342 8.48 42.49 5.64
C TRP B 342 9.58 42.60 6.70
N ALA B 343 10.81 42.66 6.24
CA ALA B 343 11.95 42.77 7.13
C ALA B 343 11.94 44.15 7.78
N ALA B 344 11.75 45.16 6.93
CA ALA B 344 11.71 46.54 7.44
C ALA B 344 10.68 46.63 8.56
N VAL B 345 9.49 46.11 8.29
CA VAL B 345 8.45 46.07 9.32
C VAL B 345 8.95 45.41 10.61
N GLU B 346 9.51 44.22 10.53
CA GLU B 346 9.84 43.47 11.74
C GLU B 346 11.03 44.08 12.51
N LEU B 347 11.92 44.75 11.78
CA LEU B 347 13.05 45.42 12.43
C LEU B 347 12.59 46.70 13.14
N TRP B 348 11.73 47.46 12.45
CA TRP B 348 11.01 48.58 13.05
C TRP B 348 10.24 48.22 14.30
N VAL B 349 9.65 47.02 14.32
CA VAL B 349 8.83 46.62 15.46
C VAL B 349 9.72 46.37 16.66
N VAL B 350 10.87 45.75 16.46
CA VAL B 350 11.67 45.35 17.60
C VAL B 350 12.75 46.37 18.01
N THR B 351 13.01 47.34 17.14
CA THR B 351 13.98 48.39 17.46
C THR B 351 13.33 49.78 17.66
N GLY B 352 12.21 50.02 17.00
CA GLY B 352 11.61 51.34 17.01
C GLY B 352 12.38 52.34 16.15
N ARG B 353 13.49 51.89 15.57
CA ARG B 353 14.44 52.78 14.93
C ARG B 353 13.84 53.44 13.70
N ALA B 354 14.07 54.74 13.56
CA ALA B 354 13.64 55.47 12.37
C ALA B 354 14.09 54.79 11.08
N GLU B 355 15.36 54.37 11.03
CA GLU B 355 15.98 53.93 9.78
C GLU B 355 15.11 52.89 9.07
N TYR B 356 14.41 52.09 9.87
CA TYR B 356 13.55 51.02 9.35
C TYR B 356 12.21 51.53 8.78
N HIS B 357 11.53 52.36 9.57
CA HIS B 357 10.27 52.97 9.14
C HIS B 357 10.40 53.79 7.85
N ASP B 358 11.54 54.46 7.67
CA ASP B 358 11.82 55.19 6.43
C ASP B 358 11.61 54.32 5.20
N TYR B 359 12.17 53.12 5.22
CA TYR B 359 12.00 52.21 4.09
C TYR B 359 10.51 51.93 3.84
N ILE B 360 9.77 51.71 4.92
CA ILE B 360 8.31 51.57 4.83
C ILE B 360 7.70 52.77 4.12
N ALA B 361 7.83 53.94 4.75
CA ALA B 361 7.27 55.18 4.24
C ALA B 361 7.64 55.41 2.78
N ARG B 362 8.87 55.09 2.41
CA ARG B 362 9.32 55.31 1.03
C ARG B 362 8.54 54.43 0.05
N MET B 363 8.32 53.18 0.41
CA MET B 363 7.56 52.22 -0.40
C MET B 363 6.07 52.58 -0.36
N ALA B 364 5.64 53.05 0.79
CA ALA B 364 4.27 53.57 0.88
C ALA B 364 4.04 54.64 -0.19
N ARG B 365 4.92 55.63 -0.21
CA ARG B 365 4.79 56.71 -1.19
C ARG B 365 4.70 56.11 -2.60
N THR B 366 5.58 55.16 -2.91
CA THR B 366 5.63 54.59 -4.26
C THR B 366 4.77 53.33 -4.34
N GLY B 367 4.23 52.90 -3.21
CA GLY B 367 3.27 51.81 -3.18
C GLY B 367 3.72 50.61 -2.37
N LEU B 368 2.82 50.10 -1.55
CA LEU B 368 3.12 48.90 -0.76
C LEU B 368 3.10 47.59 -1.58
N PRO B 369 3.53 46.48 -0.96
CA PRO B 369 3.49 45.19 -1.68
C PRO B 369 2.06 44.66 -1.80
N ALA B 370 1.79 43.91 -2.86
CA ALA B 370 0.54 43.17 -2.96
C ALA B 370 0.18 42.47 -1.63
N TYR B 371 -1.10 42.50 -1.27
CA TYR B 371 -1.54 41.76 -0.09
C TYR B 371 -2.07 40.42 -0.52
N ALA B 372 -1.48 39.36 0.05
CA ALA B 372 -1.72 38.00 -0.44
C ALA B 372 -1.51 37.02 0.69
N PRO B 373 -1.97 35.77 0.51
CA PRO B 373 -1.68 34.74 1.51
C PRO B 373 -0.16 34.60 1.73
N VAL B 374 0.25 34.33 2.97
CA VAL B 374 1.64 34.13 3.25
C VAL B 374 2.15 32.96 2.44
N SER B 375 3.13 33.26 1.59
CA SER B 375 3.82 32.25 0.80
C SER B 375 5.33 32.45 0.87
N TRP B 376 6.08 31.52 0.28
CA TRP B 376 7.54 31.66 0.13
C TRP B 376 7.90 32.68 -0.96
N VAL B 377 6.92 33.02 -1.81
CA VAL B 377 7.10 34.13 -2.76
C VAL B 377 6.80 35.47 -2.09
N ASN B 378 5.61 35.58 -1.50
CA ASN B 378 5.18 36.81 -0.83
C ASN B 378 4.75 36.56 0.61
N PRO B 379 5.62 36.89 1.56
CA PRO B 379 5.31 36.76 2.96
C PRO B 379 4.88 38.12 3.51
N ALA B 380 4.59 39.08 2.62
CA ALA B 380 4.38 40.46 3.06
C ALA B 380 3.20 40.54 4.00
N ALA B 381 2.23 39.64 3.84
CA ALA B 381 1.06 39.65 4.71
C ALA B 381 1.42 39.75 6.18
N LEU B 382 2.46 39.05 6.60
CA LEU B 382 2.89 39.10 8.02
C LEU B 382 3.41 40.51 8.33
N GLY B 383 3.89 41.19 7.30
CA GLY B 383 4.39 42.55 7.45
C GLY B 383 3.24 43.50 7.76
N TYR B 384 2.25 43.50 6.87
CA TYR B 384 0.97 44.13 7.14
C TYR B 384 0.51 43.88 8.57
N PHE B 385 0.17 42.64 8.89
CA PHE B 385 -0.40 42.35 10.19
C PHE B 385 0.43 42.97 11.30
N ASP B 386 1.76 42.87 11.18
CA ASP B 386 2.63 43.15 12.33
C ASP B 386 2.87 44.66 12.59
N TYR B 387 3.02 45.42 11.51
CA TYR B 387 3.00 46.89 11.59
C TYR B 387 1.73 47.35 12.29
N VAL B 388 0.62 46.68 11.99
CA VAL B 388 -0.70 47.05 12.51
C VAL B 388 -0.92 46.67 13.99
N THR B 389 -0.61 45.43 14.34
CA THR B 389 -0.91 44.93 15.69
C THR B 389 0.16 45.24 16.69
N LEU B 390 1.34 45.64 16.22
CA LEU B 390 2.53 45.55 17.07
C LEU B 390 3.29 46.88 17.20
N GLY B 391 3.44 47.61 16.09
CA GLY B 391 4.17 48.87 16.09
C GLY B 391 3.65 49.84 17.15
N GLN B 392 4.56 50.46 17.89
CA GLN B 392 4.14 51.37 18.98
C GLN B 392 3.85 52.80 18.54
N LYS B 393 4.89 53.57 18.23
CA LYS B 393 4.70 54.89 17.66
C LYS B 393 4.52 54.82 16.14
N GLY B 394 3.60 53.94 15.71
CA GLY B 394 3.24 53.84 14.30
C GLY B 394 2.81 55.17 13.72
N ASP B 395 2.85 55.29 12.41
CA ASP B 395 2.12 56.35 11.73
C ASP B 395 0.66 55.91 11.54
N PRO B 396 -0.24 56.39 12.42
CA PRO B 396 -1.66 56.08 12.34
C PRO B 396 -2.23 56.10 10.91
N ALA B 397 -1.66 56.95 10.05
CA ALA B 397 -2.15 57.10 8.67
C ALA B 397 -1.74 55.96 7.75
N ILE B 398 -0.70 55.23 8.14
CA ILE B 398 -0.37 53.95 7.49
C ILE B 398 -0.92 52.76 8.30
N ARG B 399 -0.95 52.88 9.63
CA ARG B 399 -1.43 51.82 10.52
C ARG B 399 -2.86 51.40 10.23
N ALA B 400 -3.52 52.15 9.35
CA ALA B 400 -4.89 51.86 8.97
C ALA B 400 -5.03 51.74 7.45
N ARG B 401 -4.05 52.26 6.72
CA ARG B 401 -3.88 51.92 5.30
C ARG B 401 -3.72 50.40 5.18
N LEU B 402 -3.10 49.82 6.19
CA LEU B 402 -2.76 48.42 6.11
C LEU B 402 -3.96 47.60 6.55
N VAL B 403 -4.69 48.10 7.54
CA VAL B 403 -5.95 47.51 7.95
C VAL B 403 -6.90 47.31 6.76
N GLN B 404 -7.16 48.38 6.03
CA GLN B 404 -7.99 48.31 4.83
C GLN B 404 -7.63 47.12 3.93
N ARG B 405 -6.34 46.87 3.80
CA ARG B 405 -5.85 45.87 2.88
C ARG B 405 -5.98 44.45 3.44
N ILE B 406 -5.90 44.33 4.77
CA ILE B 406 -6.16 43.09 5.49
C ILE B 406 -7.62 42.65 5.42
N LEU B 407 -8.53 43.58 5.74
CA LEU B 407 -9.98 43.30 5.71
C LEU B 407 -10.44 42.99 4.30
N GLU B 408 -9.96 43.76 3.34
CA GLU B 408 -10.23 43.51 1.93
C GLU B 408 -9.69 42.16 1.47
N GLY B 409 -8.69 41.64 2.17
CA GLY B 409 -8.07 40.37 1.79
C GLY B 409 -8.89 39.24 2.37
N ALA B 410 -9.26 39.38 3.64
CA ALA B 410 -10.16 38.45 4.28
C ALA B 410 -11.50 38.38 3.54
N ARG B 411 -11.84 39.45 2.82
CA ARG B 411 -13.14 39.54 2.18
C ARG B 411 -13.17 38.85 0.82
N SER B 412 -12.09 38.92 0.06
CA SER B 412 -12.04 38.18 -1.21
C SER B 412 -11.88 36.69 -0.93
N VAL B 413 -11.23 36.37 0.18
CA VAL B 413 -11.15 34.98 0.63
C VAL B 413 -12.52 34.42 1.04
N PHE B 414 -13.22 35.11 1.94
CA PHE B 414 -14.59 34.73 2.33
C PHE B 414 -15.53 34.66 1.13
N GLN B 415 -15.34 35.56 0.18
CA GLN B 415 -16.08 35.51 -1.08
C GLN B 415 -15.78 34.27 -1.92
N THR B 416 -14.52 33.85 -1.99
CA THR B 416 -14.23 32.65 -2.74
C THR B 416 -14.77 31.44 -1.99
N TYR B 417 -14.71 31.50 -0.67
CA TYR B 417 -15.19 30.41 0.17
C TYR B 417 -16.67 30.15 -0.09
N GLU B 418 -17.42 31.24 -0.18
CA GLU B 418 -18.87 31.16 -0.39
C GLU B 418 -19.24 30.57 -1.73
N GLN B 419 -18.33 30.61 -2.70
CA GLN B 419 -18.63 30.04 -4.02
C GLN B 419 -18.22 28.59 -4.14
N SER B 420 -17.79 27.98 -3.04
CA SER B 420 -17.13 26.67 -3.10
C SER B 420 -17.82 25.68 -2.18
N GLY B 421 -18.34 24.60 -2.75
CA GLY B 421 -19.24 23.74 -2.00
C GLY B 421 -18.54 22.99 -0.89
N TYR B 422 -17.29 22.60 -1.14
CA TYR B 422 -16.50 21.91 -0.14
C TYR B 422 -15.79 22.86 0.81
N GLY B 423 -15.83 24.17 0.51
CA GLY B 423 -15.29 25.18 1.42
C GLY B 423 -13.90 25.71 1.01
N VAL B 424 -13.21 24.98 0.15
CA VAL B 424 -11.85 25.37 -0.26
C VAL B 424 -11.89 26.61 -1.13
N PRO B 425 -11.23 27.68 -0.68
CA PRO B 425 -11.33 28.99 -1.33
C PRO B 425 -10.41 29.05 -2.53
N ILE B 426 -10.63 28.14 -3.46
CA ILE B 426 -9.83 28.02 -4.67
C ILE B 426 -10.77 27.57 -5.78
N LEU B 427 -10.71 28.24 -6.92
CA LEU B 427 -11.61 27.92 -8.02
C LEU B 427 -10.93 26.99 -9.01
N ALA B 428 -11.71 26.22 -9.76
CA ALA B 428 -11.21 25.37 -10.81
C ALA B 428 -10.35 26.19 -11.77
N GLY B 429 -9.26 25.61 -12.27
CA GLY B 429 -8.28 26.33 -13.09
C GLY B 429 -7.15 26.95 -12.26
N SER B 430 -7.37 27.13 -10.97
CA SER B 430 -6.37 27.73 -10.12
C SER B 430 -5.95 26.82 -8.96
N PHE B 431 -6.07 25.52 -9.17
CA PHE B 431 -5.44 24.60 -8.20
C PHE B 431 -3.98 24.45 -8.55
N HIS B 432 -3.12 24.91 -7.65
CA HIS B 432 -1.69 24.86 -7.89
C HIS B 432 -1.01 23.82 -6.99
N TRP B 433 0.23 23.51 -7.35
CA TRP B 433 1.10 22.69 -6.52
C TRP B 433 1.14 23.30 -5.11
N GLY B 434 0.68 22.56 -4.11
CA GLY B 434 0.63 23.09 -2.73
C GLY B 434 -0.71 23.75 -2.43
N SER B 435 -1.74 23.44 -3.22
CA SER B 435 -3.08 24.01 -3.01
C SER B 435 -3.59 23.84 -1.59
N ASN B 436 -3.28 22.73 -0.93
CA ASN B 436 -3.68 22.54 0.47
C ASN B 436 -3.10 23.60 1.38
N LYS B 437 -1.84 23.96 1.14
CA LYS B 437 -1.21 25.06 1.89
C LYS B 437 -1.85 26.41 1.54
N GLU B 438 -2.18 26.59 0.28
CA GLU B 438 -2.90 27.75 -0.14
C GLU B 438 -4.23 27.94 0.65
N ALA B 439 -5.01 26.85 0.76
CA ALA B 439 -6.25 26.84 1.55
C ALA B 439 -6.00 27.29 2.97
N LEU B 440 -5.00 26.70 3.62
CA LEU B 440 -4.75 27.05 5.00
C LEU B 440 -4.18 28.46 5.16
N ALA B 441 -3.45 28.92 4.15
CA ALA B 441 -2.89 30.27 4.19
C ALA B 441 -4.00 31.32 4.07
N LYS B 442 -4.91 31.12 3.12
CA LYS B 442 -6.19 31.84 3.06
C LYS B 442 -6.98 31.81 4.37
N GLY B 443 -6.99 30.67 5.05
CA GLY B 443 -7.60 30.62 6.34
C GLY B 443 -6.99 31.62 7.30
N MET B 444 -5.65 31.65 7.30
CA MET B 444 -4.88 32.56 8.16
C MET B 444 -5.30 34.00 7.86
N LEU B 445 -5.49 34.33 6.58
CA LEU B 445 -5.90 35.67 6.23
C LEU B 445 -7.24 36.00 6.88
N LEU B 446 -8.13 35.01 6.91
CA LEU B 446 -9.41 35.14 7.57
C LEU B 446 -9.24 35.37 9.05
N LEU B 447 -8.33 34.62 9.67
CA LEU B 447 -8.10 34.74 11.11
C LEU B 447 -7.39 36.04 11.46
N PHE B 448 -6.63 36.59 10.51
CA PHE B 448 -6.00 37.90 10.70
C PHE B 448 -7.08 38.96 10.84
N ALA B 449 -7.95 39.05 9.83
CA ALA B 449 -9.07 39.98 9.84
C ALA B 449 -9.96 39.83 11.07
N HIS B 450 -10.26 38.58 11.41
CA HIS B 450 -11.01 38.24 12.60
C HIS B 450 -10.39 38.80 13.87
N HIS B 451 -9.06 38.87 13.93
CA HIS B 451 -8.39 39.33 15.13
C HIS B 451 -8.57 40.83 15.26
N LEU B 452 -8.69 41.51 14.12
CA LEU B 452 -8.85 42.95 14.08
C LEU B 452 -10.31 43.34 14.39
N GLU B 453 -11.24 42.74 13.63
CA GLU B 453 -12.66 42.98 13.82
C GLU B 453 -13.39 41.63 13.84
N PRO B 454 -13.65 41.12 15.05
CA PRO B 454 -14.15 39.75 15.20
C PRO B 454 -15.39 39.49 14.32
N ARG B 455 -15.48 38.28 13.76
CA ARG B 455 -16.49 37.98 12.76
C ARG B 455 -16.69 36.48 12.60
N PRO B 456 -17.63 35.90 13.37
CA PRO B 456 -17.61 34.45 13.56
C PRO B 456 -17.79 33.66 12.26
N GLU B 457 -18.27 34.31 11.21
CA GLU B 457 -18.33 33.67 9.89
C GLU B 457 -16.94 33.52 9.25
N TYR B 458 -16.01 34.37 9.66
CA TYR B 458 -14.62 34.25 9.23
C TYR B 458 -13.96 33.10 9.96
N GLU B 459 -14.24 33.01 11.25
CA GLU B 459 -13.77 31.90 12.05
C GLU B 459 -14.32 30.59 11.54
N ARG B 460 -15.56 30.61 11.04
CA ARG B 460 -16.19 29.39 10.56
C ARG B 460 -15.48 28.94 9.29
N ALA B 461 -15.29 29.89 8.37
CA ALA B 461 -14.60 29.62 7.11
C ALA B 461 -13.13 29.17 7.29
N ALA B 462 -12.49 29.60 8.37
CA ALA B 462 -11.13 29.12 8.68
C ALA B 462 -11.17 27.67 9.11
N LEU B 463 -12.19 27.31 9.89
CA LEU B 463 -12.28 25.94 10.39
C LEU B 463 -12.64 24.98 9.26
N ALA B 464 -13.34 25.48 8.26
CA ALA B 464 -13.66 24.75 7.05
C ALA B 464 -12.39 24.31 6.30
N GLN B 465 -11.28 25.01 6.48
CA GLN B 465 -10.06 24.62 5.76
C GLN B 465 -9.44 23.41 6.44
N LEU B 466 -9.54 23.37 7.76
CA LEU B 466 -9.18 22.16 8.48
C LEU B 466 -10.07 20.97 8.12
N ASP B 467 -11.39 21.18 8.07
CA ASP B 467 -12.30 20.11 7.67
C ASP B 467 -11.92 19.65 6.29
N TYR B 468 -11.59 20.60 5.43
CA TYR B 468 -11.26 20.28 4.04
C TYR B 468 -10.02 19.38 3.94
N VAL B 469 -8.94 19.72 4.62
CA VAL B 469 -7.71 18.92 4.52
C VAL B 469 -7.79 17.62 5.28
N LEU B 470 -8.84 17.49 6.11
CA LEU B 470 -9.00 16.31 6.97
C LEU B 470 -10.15 15.40 6.51
N GLY B 471 -10.71 15.67 5.34
CA GLY B 471 -11.65 14.73 4.75
C GLY B 471 -12.85 15.34 4.02
N VAL B 472 -13.14 16.61 4.28
CA VAL B 472 -14.31 17.20 3.65
C VAL B 472 -13.96 17.72 2.26
N ASN B 473 -13.78 16.77 1.34
CA ASN B 473 -13.30 17.09 0.00
C ASN B 473 -13.74 15.99 -0.94
N PRO B 474 -13.67 16.24 -2.25
CA PRO B 474 -14.32 15.31 -3.17
C PRO B 474 -13.63 13.95 -3.24
N LEU B 475 -12.46 13.80 -2.59
CA LEU B 475 -11.72 12.56 -2.63
C LEU B 475 -11.87 11.76 -1.33
N ALA B 476 -12.72 12.27 -0.44
CA ALA B 476 -12.83 11.70 0.90
C ALA B 476 -11.44 11.48 1.52
N LYS B 477 -10.52 12.42 1.33
CA LYS B 477 -9.10 12.14 1.58
C LYS B 477 -8.62 12.96 2.79
N SER B 478 -7.96 12.31 3.73
CA SER B 478 -7.14 13.05 4.69
C SER B 478 -5.78 13.32 4.04
N TYR B 479 -5.39 14.58 3.96
CA TYR B 479 -4.14 14.98 3.33
C TYR B 479 -3.02 15.09 4.36
N VAL B 480 -3.29 14.66 5.60
CA VAL B 480 -2.25 14.72 6.63
C VAL B 480 -1.85 13.31 7.07
N THR B 481 -0.57 12.99 6.94
CA THR B 481 -0.13 11.62 7.18
C THR B 481 -0.46 11.22 8.60
N GLY B 482 -0.91 9.98 8.73
CA GLY B 482 -1.20 9.39 10.04
C GLY B 482 -2.40 9.97 10.80
N LEU B 483 -3.18 10.83 10.16
CA LEU B 483 -4.42 11.31 10.76
C LEU B 483 -5.64 10.92 9.93
N GLY B 484 -6.73 10.61 10.61
CA GLY B 484 -7.99 10.26 9.96
C GLY B 484 -8.01 8.83 9.44
N SER B 485 -8.95 8.51 8.57
CA SER B 485 -9.14 7.13 8.17
C SER B 485 -8.53 6.90 6.81
N ASN B 486 -8.38 7.96 6.02
CA ASN B 486 -7.87 7.81 4.65
C ASN B 486 -6.73 8.78 4.36
N PRO B 487 -5.63 8.67 5.13
CA PRO B 487 -4.49 9.58 4.98
C PRO B 487 -3.63 9.08 3.83
N PRO B 488 -2.63 9.88 3.40
CA PRO B 488 -1.73 9.50 2.31
C PRO B 488 -0.85 8.37 2.77
N ARG B 489 -0.99 7.20 2.15
CA ARG B 489 -0.21 6.03 2.56
C ARG B 489 1.09 5.99 1.77
N ASN B 490 1.07 6.64 0.60
CA ASN B 490 2.20 6.58 -0.32
C ASN B 490 2.79 7.97 -0.54
N PRO B 491 3.02 8.71 0.55
CA PRO B 491 3.59 10.04 0.32
C PRO B 491 4.94 9.99 -0.42
N HIS B 492 5.20 11.03 -1.21
CA HIS B 492 6.50 11.21 -1.81
C HIS B 492 7.49 11.66 -0.72
N HIS B 493 8.02 10.69 0.02
CA HIS B 493 8.88 10.99 1.17
C HIS B 493 9.91 9.88 1.34
N ARG B 494 11.18 10.23 1.16
CA ARG B 494 12.26 9.24 1.02
C ARG B 494 12.38 8.35 2.24
N LEU B 495 12.43 8.95 3.42
CA LEU B 495 12.54 8.19 4.66
C LEU B 495 11.33 7.24 4.91
N VAL B 496 10.11 7.78 4.81
CA VAL B 496 8.91 6.92 4.82
C VAL B 496 9.01 5.76 3.81
N LYS B 497 9.38 6.06 2.56
CA LYS B 497 9.39 5.04 1.54
C LYS B 497 10.52 4.02 1.78
N ALA B 498 11.67 4.51 2.23
CA ALA B 498 12.82 3.63 2.45
C ALA B 498 12.61 2.78 3.71
N SER B 499 12.00 3.34 4.75
CA SER B 499 11.88 2.66 6.03
C SER B 499 10.63 1.79 6.10
N GLY B 500 9.60 2.16 5.34
CA GLY B 500 8.27 1.59 5.53
C GLY B 500 7.59 2.07 6.81
N VAL B 501 8.20 3.01 7.53
CA VAL B 501 7.57 3.60 8.70
C VAL B 501 7.03 5.00 8.39
N MET B 502 5.78 5.26 8.77
CA MET B 502 5.13 6.53 8.52
C MET B 502 5.66 7.62 9.44
N VAL B 503 5.95 8.79 8.84
CA VAL B 503 6.10 10.02 9.60
C VAL B 503 4.75 10.76 9.71
N PRO B 504 4.20 10.86 10.93
CA PRO B 504 2.84 11.40 11.03
C PRO B 504 2.83 12.90 11.07
N GLY B 505 1.71 13.49 10.66
CA GLY B 505 1.47 14.89 10.91
C GLY B 505 1.88 15.77 9.73
N LEU B 506 2.27 15.14 8.62
CA LEU B 506 2.74 15.87 7.44
C LEU B 506 1.59 16.15 6.47
N LEU B 507 1.41 17.43 6.16
CA LEU B 507 0.44 17.84 5.16
C LEU B 507 1.05 17.64 3.75
N VAL B 508 0.39 16.87 2.89
CA VAL B 508 0.83 16.76 1.50
C VAL B 508 0.30 17.91 0.63
N GLY B 509 0.99 18.18 -0.47
CA GLY B 509 0.64 19.30 -1.32
C GLY B 509 -0.84 19.44 -1.65
N GLY B 510 -1.46 18.34 -2.07
CA GLY B 510 -2.85 18.36 -2.47
C GLY B 510 -3.12 18.53 -3.96
N PRO B 511 -4.40 18.65 -4.33
CA PRO B 511 -4.73 18.56 -5.75
C PRO B 511 -4.17 19.76 -6.57
N ASN B 512 -3.96 19.56 -7.86
CA ASN B 512 -3.06 20.37 -8.68
C ASN B 512 -3.51 20.20 -10.14
N ASP B 513 -3.81 21.32 -10.82
CA ASP B 513 -4.32 21.33 -12.19
C ASP B 513 -3.26 20.98 -13.23
N HIS B 514 -1.99 21.05 -12.83
CA HIS B 514 -0.88 20.84 -13.77
C HIS B 514 0.05 19.66 -13.45
N PRO B 515 -0.09 18.57 -14.19
CA PRO B 515 0.72 17.40 -13.90
C PRO B 515 2.23 17.63 -14.13
N GLN B 516 3.06 17.04 -13.27
CA GLN B 516 4.51 16.89 -13.47
C GLN B 516 4.90 15.44 -13.76
N THR B 517 3.94 14.51 -13.63
CA THR B 517 4.21 13.09 -13.57
C THR B 517 3.07 12.38 -14.29
N LYS B 518 3.16 11.07 -14.44
CA LYS B 518 2.06 10.33 -15.03
C LYS B 518 0.86 10.13 -14.09
N ALA B 519 0.98 10.57 -12.83
CA ALA B 519 0.00 10.14 -11.81
C ALA B 519 -1.29 10.94 -11.80
N ILE B 520 -1.27 12.15 -12.38
CA ILE B 520 -2.53 12.86 -12.59
C ILE B 520 -2.70 13.35 -14.04
N ARG B 521 -3.96 13.62 -14.40
CA ARG B 521 -4.31 14.19 -15.67
C ARG B 521 -4.42 15.70 -15.47
N PRO B 522 -4.41 16.47 -16.56
CA PRO B 522 -4.49 17.91 -16.40
C PRO B 522 -5.89 18.44 -16.07
N HIS B 523 -5.95 19.55 -15.34
CA HIS B 523 -7.21 20.29 -15.09
C HIS B 523 -8.34 19.49 -14.38
N MET B 524 -7.96 18.62 -13.44
CA MET B 524 -8.95 17.92 -12.64
C MET B 524 -9.34 18.68 -11.36
N GLY B 525 -8.80 19.87 -11.16
CA GLY B 525 -9.29 20.71 -10.07
C GLY B 525 -9.07 20.03 -8.71
N PRO B 526 -10.08 20.05 -7.84
CA PRO B 526 -9.90 19.49 -6.51
C PRO B 526 -9.73 17.96 -6.50
N ARG B 527 -9.95 17.28 -7.62
CA ARG B 527 -9.69 15.84 -7.72
C ARG B 527 -8.32 15.52 -8.33
N GLY B 528 -7.52 16.55 -8.61
CA GLY B 528 -6.21 16.37 -9.25
C GLY B 528 -5.11 15.92 -8.29
N TYR B 529 -5.37 14.81 -7.61
CA TYR B 529 -4.50 14.33 -6.55
C TYR B 529 -4.43 12.81 -6.68
N ALA B 530 -3.24 12.24 -6.45
CA ALA B 530 -3.09 10.78 -6.45
C ALA B 530 -2.20 10.33 -5.27
N ASP B 531 -2.64 9.34 -4.51
CA ASP B 531 -1.85 8.86 -3.36
C ASP B 531 -0.79 7.86 -3.83
N VAL B 532 0.22 8.38 -4.51
CA VAL B 532 1.17 7.57 -5.27
C VAL B 532 2.53 8.17 -5.01
N THR B 533 3.47 7.33 -4.62
CA THR B 533 4.78 7.77 -4.18
C THR B 533 5.40 8.70 -5.22
N ASP B 534 5.20 8.37 -6.50
CA ASP B 534 5.80 9.11 -7.60
C ASP B 534 5.21 10.51 -7.81
N SER B 535 3.98 10.73 -7.36
CA SER B 535 3.30 12.02 -7.62
C SER B 535 3.78 13.12 -6.68
N TYR B 536 4.95 13.71 -6.93
CA TYR B 536 5.47 14.70 -5.96
C TYR B 536 4.76 16.04 -6.06
N GLU B 537 4.10 16.26 -7.16
CA GLU B 537 3.35 17.48 -7.37
C GLU B 537 1.99 17.47 -6.69
N THR B 538 1.71 16.43 -5.95
CA THR B 538 0.35 16.18 -5.44
C THR B 538 0.42 15.52 -4.03
N ASN B 539 1.50 14.79 -3.78
CA ASN B 539 1.59 13.91 -2.63
C ASN B 539 2.88 14.03 -1.81
N GLU B 540 3.56 15.18 -1.91
CA GLU B 540 4.81 15.41 -1.17
C GLU B 540 4.54 16.45 -0.09
N PRO B 541 4.94 16.18 1.14
CA PRO B 541 4.89 17.14 2.24
C PRO B 541 5.81 18.31 1.96
N ALA B 542 5.77 19.33 2.81
CA ALA B 542 6.81 20.35 2.83
C ALA B 542 6.67 21.22 4.07
N ILE B 543 7.80 21.75 4.55
CA ILE B 543 7.76 22.52 5.76
C ILE B 543 6.86 23.73 5.67
N ASP B 544 6.77 24.36 4.51
CA ASP B 544 5.88 25.52 4.40
C ASP B 544 4.40 25.13 4.31
N TYR B 545 4.10 23.86 4.11
CA TYR B 545 2.72 23.38 4.11
C TYR B 545 2.27 23.25 5.56
N ASN B 546 3.13 22.65 6.38
CA ASN B 546 2.78 22.42 7.75
C ASN B 546 2.65 23.69 8.57
N ALA B 547 3.26 24.78 8.07
CA ALA B 547 3.33 26.04 8.82
C ALA B 547 1.95 26.70 9.03
N PRO B 548 1.21 26.94 7.93
CA PRO B 548 -0.10 27.54 8.16
C PRO B 548 -1.09 26.52 8.70
N LEU B 549 -0.83 25.23 8.48
CA LEU B 549 -1.57 24.19 9.22
C LEU B 549 -1.49 24.37 10.72
N VAL B 550 -0.27 24.55 11.23
CA VAL B 550 -0.04 24.79 12.65
C VAL B 550 -0.77 26.01 13.17
N PHE B 551 -0.82 27.08 12.37
CA PHE B 551 -1.41 28.36 12.77
C PHE B 551 -2.95 28.29 12.90
N VAL B 552 -3.58 27.60 11.95
CA VAL B 552 -5.03 27.41 12.00
C VAL B 552 -5.47 26.39 13.05
N ALA B 553 -4.76 25.29 13.16
CA ALA B 553 -4.98 24.32 14.23
C ALA B 553 -4.69 24.86 15.64
N ALA B 554 -3.71 25.74 15.76
CA ALA B 554 -3.48 26.44 17.04
C ALA B 554 -4.71 27.28 17.43
N HIS B 555 -5.26 28.02 16.47
CA HIS B 555 -6.45 28.79 16.76
C HIS B 555 -7.54 27.93 17.37
N PHE B 556 -7.77 26.75 16.78
CA PHE B 556 -8.90 25.92 17.17
C PHE B 556 -8.63 24.97 18.33
N ALA B 557 -7.36 24.74 18.61
CA ALA B 557 -6.99 23.91 19.75
C ALA B 557 -7.20 24.67 21.06
N SER B 558 -7.22 25.99 20.99
CA SER B 558 -7.05 26.84 22.17
C SER B 558 -8.34 27.52 22.62
N LEU B 559 -8.90 28.36 21.76
CA LEU B 559 -10.25 28.91 21.93
C LEU B 559 -10.31 30.32 22.54
#